data_9GI4
#
_entry.id   9GI4
#
_cell.length_a   37.524
_cell.length_b   37.644
_cell.length_c   276.677
_cell.angle_alpha   90.010
_cell.angle_beta   90.020
_cell.angle_gamma   59.900
#
_symmetry.space_group_name_H-M   'P 1'
#
loop_
_entity.id
_entity.type
_entity.pdbx_description
1 polymer 'General transcription factor 3C polypeptide 5'
2 non-polymer 'PHOSPHATE ION'
3 water water
#
_entity_poly.entity_id   1
_entity_poly.type   'polypeptide(L)'
_entity_poly.pdbx_seq_one_letter_code
;GSRARRPHNAIFVNFEDEEVPKQPLEAAAQTWRRVCTNPVDRKVEEELRKLFDIRPIWSRNAVKANISVHPDKLKVLLPF
IAYYMITGPWRSLWIRFGYDPRKNPDAKIYQVLDFRIRCGMKHGYAPSDLPVKAKRSTKQGLGPSGTSGARKPASSKYKL
KDSVYIFREGALPPYRQMFYQLCDLNVEELQKIIHRNDGAENSCTERDGWCLPKTSDELRDTMSLMIRQTIRSKRPALFS
SS
;
_entity_poly.pdbx_strand_id   A,B,C,D,E,F
#
# COMPACT_ATOMS: atom_id res chain seq x y z
N PRO A 7 -0.50 -2.00 21.68
CA PRO A 7 -1.96 -1.81 21.73
C PRO A 7 -2.57 -1.91 20.35
N HIS A 8 -2.52 -0.80 19.59
CA HIS A 8 -2.83 -0.80 18.17
C HIS A 8 -1.56 -0.80 17.32
N ASN A 9 -0.50 -1.41 17.82
CA ASN A 9 0.82 -1.40 17.18
C ASN A 9 1.31 0.03 16.98
N ALA A 10 1.22 0.83 18.03
CA ALA A 10 1.64 2.21 18.02
C ALA A 10 2.84 2.42 18.94
N ILE A 11 3.68 3.39 18.59
CA ILE A 11 4.86 3.74 19.37
C ILE A 11 4.54 4.97 20.21
N PHE A 12 4.77 4.87 21.52
CA PHE A 12 4.48 5.93 22.46
C PHE A 12 5.79 6.60 22.88
N VAL A 13 5.92 7.88 22.55
CA VAL A 13 7.16 8.62 22.76
C VAL A 13 6.99 9.58 23.92
N ASN A 14 7.94 9.57 24.83
CA ASN A 14 8.00 10.53 25.92
C ASN A 14 8.79 11.76 25.50
N PHE A 15 8.53 12.88 26.18
CA PHE A 15 9.29 14.09 25.93
C PHE A 15 10.76 13.92 26.28
N GLU A 16 11.09 12.99 27.18
CA GLU A 16 12.47 12.76 27.59
C GLU A 16 13.16 11.69 26.76
N ASP A 17 12.43 10.99 25.88
CA ASP A 17 13.08 10.07 24.96
C ASP A 17 14.06 10.84 24.08
N GLU A 18 15.25 10.27 23.91
CA GLU A 18 16.25 10.87 23.02
C GLU A 18 15.68 10.96 21.61
N GLU A 19 15.60 9.84 20.91
CA GLU A 19 15.20 9.85 19.51
C GLU A 19 13.72 9.56 19.34
N VAL A 20 13.22 9.89 18.15
CA VAL A 20 11.85 9.63 17.77
C VAL A 20 11.86 8.54 16.69
N PRO A 21 10.83 7.72 16.59
CA PRO A 21 10.84 6.67 15.57
C PRO A 21 10.81 7.23 14.16
N LYS A 22 11.49 6.54 13.26
CA LYS A 22 11.54 6.92 11.85
C LYS A 22 10.77 5.97 10.95
N GLN A 23 10.21 4.89 11.51
CA GLN A 23 9.44 3.90 10.76
C GLN A 23 8.38 3.34 11.68
N PRO A 24 7.25 2.88 11.14
CA PRO A 24 6.24 2.23 12.00
C PRO A 24 6.70 0.87 12.47
N LEU A 25 5.80 0.12 13.09
CA LEU A 25 6.07 -1.25 13.49
C LEU A 25 5.59 -2.21 12.42
N GLU A 26 6.30 -3.33 12.27
CA GLU A 26 5.93 -4.30 11.25
C GLU A 26 4.57 -4.91 11.53
N ALA A 27 4.20 -5.05 12.81
CA ALA A 27 2.86 -5.50 13.16
C ALA A 27 1.80 -4.55 12.59
N ALA A 28 2.04 -3.24 12.72
CA ALA A 28 1.09 -2.27 12.17
C ALA A 28 1.03 -2.34 10.66
N ALA A 29 2.18 -2.53 10.00
CA ALA A 29 2.20 -2.64 8.55
C ALA A 29 1.42 -3.85 8.08
N GLN A 30 1.62 -5.00 8.74
CA GLN A 30 0.89 -6.21 8.36
C GLN A 30 -0.60 -6.07 8.67
N THR A 31 -0.94 -5.41 9.78
CA THR A 31 -2.34 -5.20 10.11
C THR A 31 -3.03 -4.33 9.06
N TRP A 32 -2.34 -3.27 8.61
CA TRP A 32 -2.92 -2.44 7.56
C TRP A 32 -3.01 -3.20 6.24
N ARG A 33 -2.00 -4.01 5.93
CA ARG A 33 -2.07 -4.88 4.75
C ARG A 33 -3.28 -5.79 4.81
N ARG A 34 -3.62 -6.28 6.01
CA ARG A 34 -4.81 -7.12 6.16
C ARG A 34 -6.08 -6.31 5.99
N VAL A 35 -6.15 -5.13 6.61
CA VAL A 35 -7.39 -4.36 6.64
C VAL A 35 -7.67 -3.71 5.29
N CYS A 36 -6.63 -3.23 4.61
CA CYS A 36 -6.79 -2.60 3.30
C CYS A 36 -7.38 -3.59 2.31
N THR A 37 -8.68 -3.50 2.06
CA THR A 37 -9.42 -4.46 1.24
C THR A 37 -10.04 -3.84 0.01
N ASN A 38 -10.64 -2.65 0.13
CA ASN A 38 -11.27 -1.96 -0.98
C ASN A 38 -10.39 -0.82 -1.48
N PRO A 39 -10.58 -0.38 -2.72
CA PRO A 39 -9.77 0.75 -3.23
C PRO A 39 -9.96 2.02 -2.43
N VAL A 40 -11.11 2.21 -1.80
CA VAL A 40 -11.34 3.39 -0.96
C VAL A 40 -10.34 3.42 0.18
N ASP A 41 -9.89 2.26 0.66
CA ASP A 41 -8.90 2.22 1.72
C ASP A 41 -7.56 2.77 1.24
N ARG A 42 -7.12 2.37 0.04
CA ARG A 42 -5.90 2.95 -0.51
C ARG A 42 -6.06 4.44 -0.77
N LYS A 43 -7.24 4.86 -1.21
CA LYS A 43 -7.50 6.28 -1.44
C LYS A 43 -7.34 7.08 -0.16
N VAL A 44 -7.97 6.61 0.93
CA VAL A 44 -7.90 7.35 2.19
C VAL A 44 -6.50 7.26 2.79
N GLU A 45 -5.78 6.16 2.55
CA GLU A 45 -4.39 6.09 2.99
C GLU A 45 -3.54 7.15 2.31
N GLU A 46 -3.68 7.28 0.98
CA GLU A 46 -2.96 8.33 0.26
C GLU A 46 -3.37 9.71 0.74
N GLU A 47 -4.65 9.91 1.02
CA GLU A 47 -5.13 11.20 1.50
C GLU A 47 -4.49 11.55 2.83
N LEU A 48 -4.48 10.62 3.78
CA LEU A 48 -3.89 10.86 5.08
C LEU A 48 -2.38 11.09 4.96
N ARG A 49 -1.73 10.37 4.04
CA ARG A 49 -0.29 10.58 3.83
C ARG A 49 -0.02 11.99 3.32
N LYS A 50 -0.81 12.45 2.34
CA LYS A 50 -0.64 13.80 1.83
C LYS A 50 -0.90 14.84 2.91
N LEU A 51 -1.92 14.63 3.74
CA LEU A 51 -2.24 15.61 4.77
C LEU A 51 -1.18 15.64 5.87
N PHE A 52 -0.57 14.50 6.19
CA PHE A 52 0.55 14.51 7.12
C PHE A 52 1.82 15.05 6.49
N ASP A 53 1.91 15.02 5.16
CA ASP A 53 3.02 15.68 4.48
C ASP A 53 2.88 17.19 4.54
N ILE A 54 1.65 17.68 4.39
CA ILE A 54 1.43 19.13 4.48
C ILE A 54 1.57 19.60 5.93
N ARG A 55 0.91 18.92 6.85
CA ARG A 55 0.95 19.27 8.27
C ARG A 55 1.51 18.09 9.06
N PRO A 56 2.69 18.22 9.67
CA PRO A 56 3.32 17.04 10.28
C PRO A 56 2.67 16.58 11.57
N ILE A 57 2.01 17.49 12.31
CA ILE A 57 1.43 17.17 13.60
C ILE A 57 -0.08 17.37 13.51
N TRP A 58 -0.83 16.35 13.94
CA TRP A 58 -2.27 16.35 13.80
C TRP A 58 -2.92 15.83 15.08
N SER A 59 -4.13 16.33 15.34
CA SER A 59 -4.99 15.78 16.38
C SER A 59 -6.05 14.90 15.73
N ARG A 60 -6.53 13.92 16.49
CA ARG A 60 -7.48 12.95 15.94
C ARG A 60 -8.76 13.63 15.47
N ASN A 61 -9.28 14.57 16.26
CA ASN A 61 -10.50 15.27 15.86
C ASN A 61 -10.26 16.16 14.64
N ALA A 62 -9.08 16.79 14.56
CA ALA A 62 -8.75 17.60 13.40
C ALA A 62 -8.67 16.75 12.14
N VAL A 63 -8.09 15.54 12.25
CA VAL A 63 -8.04 14.65 11.11
C VAL A 63 -9.43 14.18 10.71
N LYS A 64 -10.25 13.82 11.69
CA LYS A 64 -11.63 13.40 11.41
C LYS A 64 -12.44 14.51 10.76
N ALA A 65 -12.05 15.78 10.97
CA ALA A 65 -12.73 16.91 10.36
C ALA A 65 -12.22 17.21 8.95
N ASN A 66 -11.32 16.39 8.42
CA ASN A 66 -10.76 16.60 7.09
C ASN A 66 -10.98 15.44 6.13
N ILE A 67 -11.14 14.22 6.64
CA ILE A 67 -11.45 13.06 5.80
C ILE A 67 -12.59 12.29 6.47
N SER A 68 -13.40 11.63 5.66
CA SER A 68 -14.46 10.74 6.13
C SER A 68 -13.94 9.31 6.03
N VAL A 69 -13.39 8.80 7.14
CA VAL A 69 -12.86 7.44 7.20
C VAL A 69 -13.59 6.67 8.29
N HIS A 70 -13.67 5.36 8.09
CA HIS A 70 -14.25 4.50 9.11
C HIS A 70 -13.33 4.48 10.33
N PRO A 71 -13.89 4.56 11.55
CA PRO A 71 -13.03 4.60 12.74
C PRO A 71 -12.16 3.37 12.90
N ASP A 72 -12.70 2.19 12.59
CA ASP A 72 -11.90 0.96 12.72
C ASP A 72 -10.76 0.94 11.71
N LYS A 73 -10.91 1.61 10.57
CA LYS A 73 -9.82 1.71 9.63
C LYS A 73 -8.82 2.78 10.05
N LEU A 74 -9.30 3.87 10.65
CA LEU A 74 -8.41 4.96 11.05
C LEU A 74 -7.54 4.54 12.24
N LYS A 75 -8.10 3.78 13.19
CA LYS A 75 -7.33 3.35 14.34
C LYS A 75 -6.20 2.39 13.95
N VAL A 76 -6.25 1.81 12.76
CA VAL A 76 -5.17 1.00 12.24
C VAL A 76 -4.24 1.80 11.34
N LEU A 77 -4.80 2.73 10.56
CA LEU A 77 -3.99 3.51 9.63
C LEU A 77 -3.08 4.50 10.35
N LEU A 78 -3.57 5.10 11.44
CA LEU A 78 -2.78 6.12 12.13
C LEU A 78 -1.46 5.59 12.68
N PRO A 79 -1.40 4.45 13.39
CA PRO A 79 -0.09 3.96 13.85
C PRO A 79 0.84 3.56 12.71
N PHE A 80 0.32 3.40 11.49
CA PHE A 80 1.18 3.08 10.36
C PHE A 80 1.82 4.32 9.76
N ILE A 81 1.20 5.48 9.92
CA ILE A 81 1.67 6.72 9.31
C ILE A 81 2.40 7.61 10.31
N ALA A 82 1.95 7.63 11.57
CA ALA A 82 2.47 8.56 12.55
C ALA A 82 2.71 7.84 13.87
N TYR A 83 3.44 8.50 14.77
CA TYR A 83 3.65 8.04 16.13
C TYR A 83 2.91 8.93 17.11
N TYR A 84 2.74 8.43 18.32
CA TYR A 84 1.92 9.07 19.34
C TYR A 84 2.79 9.65 20.45
N MET A 85 2.43 10.86 20.89
CA MET A 85 3.15 11.55 21.95
C MET A 85 2.42 11.37 23.27
N ILE A 86 3.17 11.07 24.33
CA ILE A 86 2.61 10.80 25.64
C ILE A 86 2.80 11.98 26.59
N THR A 87 4.02 12.52 26.65
CA THR A 87 4.33 13.65 27.49
C THR A 87 4.92 14.78 26.65
N GLY A 88 4.86 15.99 27.20
CA GLY A 88 5.44 17.14 26.56
C GLY A 88 4.41 18.11 26.01
N PRO A 89 4.88 19.15 25.32
CA PRO A 89 3.93 20.16 24.78
C PRO A 89 3.07 19.64 23.64
N TRP A 90 3.43 18.53 23.01
CA TRP A 90 2.68 17.98 21.89
C TRP A 90 1.95 16.69 22.26
N ARG A 91 1.60 16.54 23.54
CA ARG A 91 0.97 15.31 23.99
C ARG A 91 -0.40 15.13 23.34
N SER A 92 -0.81 13.87 23.21
CA SER A 92 -2.08 13.49 22.60
C SER A 92 -2.17 13.93 21.14
N LEU A 93 -1.02 14.03 20.47
CA LEU A 93 -0.98 14.40 19.07
C LEU A 93 -0.19 13.36 18.29
N TRP A 94 -0.55 13.20 17.02
CA TRP A 94 0.11 12.25 16.12
C TRP A 94 1.11 13.00 15.25
N ILE A 95 2.34 12.50 15.21
CA ILE A 95 3.44 13.16 14.53
C ILE A 95 3.98 12.25 13.43
N ARG A 96 4.18 12.82 12.25
CA ARG A 96 4.72 12.08 11.11
C ARG A 96 6.04 11.42 11.47
N PHE A 97 6.23 10.20 10.99
CA PHE A 97 7.47 9.46 11.26
C PHE A 97 8.66 10.20 10.67
N GLY A 98 9.66 10.44 11.50
CA GLY A 98 10.84 11.18 11.08
C GLY A 98 10.82 12.66 11.40
N TYR A 99 9.79 13.14 12.10
CA TYR A 99 9.66 14.54 12.45
C TYR A 99 9.82 14.70 13.97
N ASP A 100 10.77 15.53 14.38
CA ASP A 100 11.00 15.80 15.79
C ASP A 100 10.60 17.23 16.11
N PRO A 101 9.50 17.45 16.82
CA PRO A 101 9.11 18.83 17.15
C PRO A 101 10.07 19.51 18.11
N ARG A 102 10.86 18.77 18.87
CA ARG A 102 11.84 19.36 19.76
C ARG A 102 13.06 19.88 19.02
N LYS A 103 13.08 19.78 17.69
CA LYS A 103 14.18 20.29 16.88
C LYS A 103 13.69 21.20 15.75
N ASN A 104 12.43 21.60 15.77
CA ASN A 104 11.86 22.49 14.76
C ASN A 104 11.06 23.58 15.45
N PRO A 105 11.53 24.82 15.45
CA PRO A 105 10.76 25.89 16.11
C PRO A 105 9.38 26.11 15.51
N ASP A 106 9.21 25.80 14.22
CA ASP A 106 7.89 25.95 13.60
C ASP A 106 6.84 25.09 14.30
N ALA A 107 7.25 23.95 14.85
CA ALA A 107 6.34 23.10 15.61
C ALA A 107 5.69 23.82 16.77
N LYS A 108 6.16 25.02 17.12
CA LYS A 108 5.48 25.85 18.12
C LYS A 108 4.03 26.07 17.73
N ILE A 109 3.75 26.27 16.44
CA ILE A 109 2.38 26.49 16.00
C ILE A 109 1.55 25.22 16.06
N TYR A 110 2.16 24.07 16.31
CA TYR A 110 1.44 22.81 16.40
C TYR A 110 1.28 22.32 17.84
N GLN A 111 1.74 23.10 18.82
CA GLN A 111 1.66 22.67 20.21
C GLN A 111 0.20 22.60 20.66
N VAL A 112 -0.04 21.83 21.72
CA VAL A 112 -1.38 21.55 22.20
C VAL A 112 -1.74 22.49 23.33
N LEU A 113 -3.04 22.67 23.56
CA LEU A 113 -3.55 23.48 24.65
C LEU A 113 -4.84 22.86 25.15
N ASP A 114 -4.87 22.49 26.42
CA ASP A 114 -6.06 21.90 27.02
C ASP A 114 -6.91 22.99 27.66
N PHE A 115 -8.12 23.16 27.15
CA PHE A 115 -9.04 24.20 27.62
C PHE A 115 -10.26 23.54 28.24
N ARG A 116 -10.45 23.75 29.54
CA ARG A 116 -11.62 23.27 30.26
C ARG A 116 -12.48 24.46 30.65
N ILE A 117 -13.79 24.31 30.51
CA ILE A 117 -14.72 25.40 30.82
C ILE A 117 -14.85 25.53 32.33
N ARG A 118 -14.99 26.77 32.79
CA ARG A 118 -15.14 27.06 34.22
C ARG A 118 -15.60 28.49 34.43
N LYS A 157 -19.92 11.38 5.63
CA LYS A 157 -20.47 10.26 6.38
C LYS A 157 -19.74 10.10 7.71
N TYR A 158 -18.42 10.29 7.68
CA TYR A 158 -17.60 10.24 8.87
C TYR A 158 -16.92 11.56 9.20
N LYS A 159 -16.95 12.53 8.29
CA LYS A 159 -16.33 13.83 8.54
C LYS A 159 -17.05 14.57 9.66
N LEU A 160 -16.30 15.38 10.39
CA LEU A 160 -16.82 16.16 11.50
C LEU A 160 -16.84 17.64 11.16
N LYS A 161 -17.42 18.43 12.06
CA LYS A 161 -17.54 19.86 11.87
C LYS A 161 -16.19 20.54 12.10
N ASP A 162 -16.18 21.87 11.98
CA ASP A 162 -14.96 22.65 12.21
C ASP A 162 -14.80 23.07 13.65
N SER A 163 -15.91 23.30 14.37
CA SER A 163 -15.84 23.74 15.76
C SER A 163 -15.24 22.68 16.69
N VAL A 164 -15.12 21.44 16.24
CA VAL A 164 -14.53 20.40 17.06
C VAL A 164 -13.03 20.62 17.25
N TYR A 165 -12.41 21.47 16.42
CA TYR A 165 -10.98 21.71 16.57
C TYR A 165 -10.56 23.14 16.22
N ILE A 166 -11.48 24.05 15.93
CA ILE A 166 -11.15 25.41 15.52
C ILE A 166 -11.91 26.39 16.39
N PHE A 167 -11.22 27.42 16.87
CA PHE A 167 -11.78 28.45 17.73
C PHE A 167 -11.91 29.76 16.95
N ARG A 168 -13.03 30.45 17.15
CA ARG A 168 -13.29 31.71 16.46
C ARG A 168 -14.11 32.62 17.35
N GLU A 169 -13.96 33.93 17.13
CA GLU A 169 -14.74 34.93 17.86
C GLU A 169 -16.19 34.88 17.38
N GLY A 170 -17.09 34.41 18.25
CA GLY A 170 -18.49 34.24 17.90
C GLY A 170 -18.97 32.81 17.94
N ALA A 171 -18.11 31.84 18.21
CA ALA A 171 -18.48 30.44 18.33
C ALA A 171 -18.32 29.98 19.77
N LEU A 172 -18.72 28.73 20.02
CA LEU A 172 -18.65 28.14 21.35
C LEU A 172 -18.13 26.71 21.23
N PRO A 173 -17.07 26.36 21.96
CA PRO A 173 -16.57 24.98 21.97
C PRO A 173 -17.69 23.99 22.25
N PRO A 174 -17.81 22.94 21.44
CA PRO A 174 -18.92 21.98 21.61
C PRO A 174 -18.76 21.03 22.80
N TYR A 175 -17.57 20.93 23.40
CA TYR A 175 -17.35 20.03 24.52
C TYR A 175 -16.89 20.83 25.74
N ARG A 176 -16.94 20.17 26.89
CA ARG A 176 -16.57 20.82 28.14
C ARG A 176 -15.05 20.91 28.32
N GLN A 177 -14.31 19.98 27.72
CA GLN A 177 -12.85 19.99 27.79
C GLN A 177 -12.30 19.67 26.40
N MET A 178 -11.64 20.64 25.78
CA MET A 178 -11.10 20.49 24.44
C MET A 178 -9.58 20.51 24.47
N PHE A 179 -8.99 19.96 23.40
CA PHE A 179 -7.55 19.91 23.19
C PHE A 179 -7.26 20.60 21.87
N TYR A 180 -7.12 21.92 21.91
CA TYR A 180 -6.89 22.69 20.69
C TYR A 180 -5.43 22.65 20.31
N GLN A 181 -5.15 22.96 19.04
CA GLN A 181 -3.80 23.17 18.56
C GLN A 181 -3.61 24.64 18.22
N LEU A 182 -2.41 25.16 18.50
CA LEU A 182 -2.18 26.60 18.47
C LEU A 182 -2.45 27.20 17.09
N CYS A 183 -2.30 26.41 16.03
CA CYS A 183 -2.53 26.95 14.69
C CYS A 183 -4.01 27.14 14.40
N ASP A 184 -4.89 26.38 15.05
CA ASP A 184 -6.31 26.40 14.77
C ASP A 184 -7.07 27.43 15.59
N LEU A 185 -6.37 28.26 16.36
CA LEU A 185 -6.99 29.36 17.10
C LEU A 185 -7.04 30.56 16.17
N ASN A 186 -8.13 30.66 15.40
CA ASN A 186 -8.25 31.66 14.34
C ASN A 186 -8.70 33.00 14.93
N VAL A 187 -7.83 33.57 15.74
CA VAL A 187 -8.05 34.89 16.34
C VAL A 187 -6.75 35.68 16.25
N GLU A 188 -6.87 36.99 15.97
CA GLU A 188 -5.69 37.82 15.82
C GLU A 188 -4.94 37.98 17.14
N GLU A 189 -5.68 38.16 18.24
CA GLU A 189 -5.02 38.40 19.53
C GLU A 189 -4.30 37.14 20.02
N LEU A 190 -4.96 35.98 19.91
CA LEU A 190 -4.32 34.73 20.31
C LEU A 190 -3.09 34.45 19.46
N GLN A 191 -3.18 34.72 18.15
CA GLN A 191 -2.02 34.50 17.29
C GLN A 191 -0.90 35.48 17.59
N LYS A 192 -1.23 36.71 17.99
CA LYS A 192 -0.20 37.64 18.44
C LYS A 192 0.48 37.12 19.70
N ILE A 193 -0.30 36.62 20.66
CA ILE A 193 0.27 36.04 21.87
C ILE A 193 1.18 34.87 21.51
N ILE A 194 0.79 34.08 20.51
CA ILE A 194 1.58 32.91 20.13
C ILE A 194 2.89 33.33 19.47
N HIS A 195 2.82 34.23 18.48
CA HIS A 195 3.97 34.62 17.70
C HIS A 195 4.78 35.76 18.32
N ARG A 196 4.44 36.17 19.55
CA ARG A 196 5.19 37.21 20.25
C ARG A 196 6.70 36.94 20.23
N ASN A 197 7.11 35.69 20.38
CA ASN A 197 8.52 35.32 20.45
C ASN A 197 9.00 34.61 19.20
N ASP A 198 8.44 34.94 18.04
CA ASP A 198 8.87 34.32 16.79
C ASP A 198 10.26 34.79 16.41
N GLY A 199 11.08 33.86 15.92
CA GLY A 199 12.45 34.16 15.54
C GLY A 199 13.46 34.09 16.66
N ALA A 200 13.00 34.00 17.91
CA ALA A 200 13.89 33.89 19.07
C ALA A 200 13.20 32.99 20.10
N GLU A 201 12.98 31.73 19.73
CA GLU A 201 12.24 30.79 20.57
C GLU A 201 13.05 30.28 21.76
N ASN A 202 14.34 30.58 21.82
CA ASN A 202 15.21 30.17 22.92
C ASN A 202 15.24 28.64 22.99
N SER A 203 14.85 28.02 24.09
CA SER A 203 14.91 26.57 24.26
C SER A 203 13.51 25.99 24.36
N CYS A 204 13.43 24.69 24.08
CA CYS A 204 12.16 23.96 24.11
C CYS A 204 12.01 23.30 25.49
N THR A 205 11.03 23.77 26.26
CA THR A 205 10.75 23.21 27.57
C THR A 205 9.56 22.27 27.50
N GLU A 206 9.28 21.61 28.63
CA GLU A 206 8.14 20.70 28.69
C GLU A 206 6.85 21.43 28.99
N ARG A 207 6.90 22.51 29.77
CA ARG A 207 5.68 23.21 30.17
C ARG A 207 5.17 24.11 29.05
N ASP A 208 6.07 24.73 28.29
CA ASP A 208 5.66 25.70 27.27
C ASP A 208 6.25 25.45 25.90
N GLY A 209 7.23 24.55 25.75
CA GLY A 209 7.81 24.31 24.44
C GLY A 209 8.58 25.51 23.94
N TRP A 210 8.40 25.84 22.66
CA TRP A 210 9.04 26.99 22.06
C TRP A 210 8.38 28.30 22.43
N CYS A 211 7.21 28.25 23.07
CA CYS A 211 6.50 29.46 23.46
C CYS A 211 7.15 30.11 24.68
N LEU A 212 6.81 31.37 24.91
CA LEU A 212 7.27 32.05 26.10
C LEU A 212 6.56 31.48 27.34
N PRO A 213 7.19 31.58 28.51
CA PRO A 213 6.59 30.98 29.71
C PRO A 213 5.22 31.56 30.02
N LYS A 214 4.37 30.72 30.64
CA LYS A 214 3.02 31.08 31.06
C LYS A 214 2.14 31.54 29.91
N THR A 215 2.48 31.15 28.68
CA THR A 215 1.65 31.53 27.53
C THR A 215 0.29 30.83 27.59
N SER A 216 0.28 29.55 27.96
CA SER A 216 -0.96 28.77 27.95
C SER A 216 -2.02 29.41 28.81
N ASP A 217 -1.66 29.88 30.01
CA ASP A 217 -2.63 30.53 30.88
C ASP A 217 -3.15 31.82 30.25
N GLU A 218 -2.29 32.56 29.56
CA GLU A 218 -2.72 33.78 28.88
C GLU A 218 -3.76 33.47 27.81
N LEU A 219 -3.47 32.49 26.95
CA LEU A 219 -4.44 32.10 25.94
C LEU A 219 -5.73 31.63 26.58
N ARG A 220 -5.64 30.84 27.66
CA ARG A 220 -6.84 30.32 28.30
C ARG A 220 -7.71 31.44 28.83
N ASP A 221 -7.10 32.42 29.51
CA ASP A 221 -7.87 33.55 30.03
C ASP A 221 -8.49 34.37 28.90
N THR A 222 -7.75 34.56 27.80
CA THR A 222 -8.30 35.31 26.68
C THR A 222 -9.48 34.60 26.05
N MET A 223 -9.38 33.27 25.89
CA MET A 223 -10.49 32.51 25.32
C MET A 223 -11.69 32.50 26.26
N SER A 224 -11.47 32.47 27.57
CA SER A 224 -12.59 32.56 28.51
C SER A 224 -13.28 33.92 28.40
N LEU A 225 -12.50 35.00 28.33
CA LEU A 225 -13.08 36.32 28.15
C LEU A 225 -13.89 36.40 26.86
N MET A 226 -13.34 35.86 25.77
CA MET A 226 -14.06 35.89 24.50
C MET A 226 -15.32 35.03 24.54
N ILE A 227 -15.28 33.92 25.28
CA ILE A 227 -16.47 33.09 25.45
C ILE A 227 -17.57 33.87 26.16
N ARG A 228 -17.20 34.57 27.24
CA ARG A 228 -18.19 35.37 27.96
C ARG A 228 -18.71 36.50 27.08
N GLN A 229 -17.84 37.10 26.26
CA GLN A 229 -18.28 38.14 25.34
C GLN A 229 -19.30 37.59 24.35
N THR A 230 -19.02 36.42 23.78
CA THR A 230 -19.96 35.81 22.84
C THR A 230 -21.27 35.44 23.52
N ILE A 231 -21.21 35.02 24.79
CA ILE A 231 -22.42 34.70 25.52
C ILE A 231 -23.26 35.95 25.74
N ARG A 232 -22.61 37.08 26.06
CA ARG A 232 -23.35 38.31 26.29
C ARG A 232 -24.05 38.79 25.03
N SER A 233 -23.41 38.62 23.87
CA SER A 233 -24.00 39.06 22.60
C SER A 233 -25.12 38.12 22.16
N HIS B 8 45.87 -69.30 -22.05
CA HIS B 8 46.23 -70.71 -22.17
C HIS B 8 45.04 -71.60 -21.86
N ASN B 9 44.86 -72.64 -22.68
CA ASN B 9 43.79 -73.63 -22.58
C ASN B 9 42.40 -73.04 -22.83
N ALA B 10 42.29 -71.73 -23.03
CA ALA B 10 41.02 -71.07 -23.31
C ALA B 10 41.06 -70.47 -24.71
N ILE B 11 39.96 -70.63 -25.44
CA ILE B 11 39.86 -70.11 -26.81
C ILE B 11 39.27 -68.71 -26.75
N PHE B 12 39.93 -67.77 -27.44
CA PHE B 12 39.51 -66.38 -27.47
C PHE B 12 38.87 -66.07 -28.82
N VAL B 13 37.68 -65.47 -28.78
CA VAL B 13 36.88 -65.23 -29.97
C VAL B 13 36.51 -63.75 -30.03
N ASN B 14 36.48 -63.19 -31.23
CA ASN B 14 36.02 -61.82 -31.43
C ASN B 14 34.65 -61.81 -32.11
N PHE B 15 34.13 -60.59 -32.28
CA PHE B 15 32.92 -60.36 -33.05
C PHE B 15 33.11 -60.75 -34.51
N GLU B 16 34.34 -60.63 -35.02
CA GLU B 16 34.61 -60.82 -36.44
C GLU B 16 34.93 -62.28 -36.81
N ASP B 17 35.09 -63.17 -35.84
CA ASP B 17 35.35 -64.56 -36.14
C ASP B 17 34.15 -65.19 -36.85
N GLU B 18 34.41 -65.91 -37.95
CA GLU B 18 33.33 -66.50 -38.72
C GLU B 18 32.61 -67.59 -37.94
N GLU B 19 33.33 -68.29 -37.06
CA GLU B 19 32.75 -69.43 -36.34
C GLU B 19 33.16 -69.36 -34.88
N VAL B 20 32.28 -69.87 -34.02
CA VAL B 20 32.56 -70.03 -32.60
C VAL B 20 32.94 -71.48 -32.37
N PRO B 21 33.73 -71.80 -31.33
CA PRO B 21 34.10 -73.20 -31.10
C PRO B 21 32.91 -74.02 -30.63
N LYS B 22 32.97 -75.32 -30.92
CA LYS B 22 31.96 -76.27 -30.49
C LYS B 22 32.49 -77.26 -29.45
N GLN B 23 33.80 -77.31 -29.23
CA GLN B 23 34.43 -78.19 -28.27
C GLN B 23 35.60 -77.46 -27.64
N PRO B 24 35.91 -77.74 -26.38
CA PRO B 24 37.06 -77.08 -25.74
C PRO B 24 38.39 -77.54 -26.32
N LEU B 25 39.49 -77.06 -25.74
CA LEU B 25 40.81 -77.55 -26.14
C LEU B 25 41.14 -78.82 -25.37
N GLU B 26 41.87 -79.71 -26.03
CA GLU B 26 42.24 -80.97 -25.40
C GLU B 26 43.15 -80.76 -24.20
N ALA B 27 44.01 -79.74 -24.25
CA ALA B 27 44.82 -79.40 -23.10
C ALA B 27 43.96 -79.07 -21.90
N ALA B 28 42.84 -78.37 -22.12
CA ALA B 28 41.94 -78.03 -21.02
C ALA B 28 41.29 -79.28 -20.44
N ALA B 29 40.86 -80.21 -21.29
CA ALA B 29 40.27 -81.45 -20.80
C ALA B 29 41.26 -82.27 -20.00
N GLN B 30 42.51 -82.36 -20.49
CA GLN B 30 43.52 -83.13 -19.76
C GLN B 30 43.89 -82.44 -18.45
N THR B 31 43.95 -81.12 -18.44
CA THR B 31 44.24 -80.40 -17.20
C THR B 31 43.13 -80.59 -16.18
N TRP B 32 41.88 -80.55 -16.64
CA TRP B 32 40.76 -80.79 -15.72
C TRP B 32 40.78 -82.23 -15.20
N ARG B 33 41.14 -83.18 -16.06
CA ARG B 33 41.29 -84.57 -15.61
C ARG B 33 42.36 -84.68 -14.53
N ARG B 34 43.48 -84.00 -14.72
CA ARG B 34 44.55 -84.03 -13.73
C ARG B 34 44.14 -83.34 -12.43
N VAL B 35 43.33 -82.29 -12.52
CA VAL B 35 42.97 -81.50 -11.35
C VAL B 35 41.79 -82.09 -10.59
N CYS B 36 40.82 -82.68 -11.30
CA CYS B 36 39.64 -83.25 -10.65
C CYS B 36 40.03 -84.41 -9.75
N THR B 37 40.12 -84.16 -8.45
CA THR B 37 40.59 -85.14 -7.47
C THR B 37 39.49 -85.66 -6.56
N ASN B 38 38.65 -84.78 -6.03
CA ASN B 38 37.62 -85.13 -5.07
C ASN B 38 36.25 -85.19 -5.73
N PRO B 39 35.30 -85.91 -5.14
CA PRO B 39 33.93 -85.89 -5.67
C PRO B 39 33.31 -84.51 -5.68
N VAL B 40 33.77 -83.63 -4.79
CA VAL B 40 33.28 -82.25 -4.79
C VAL B 40 33.61 -81.57 -6.11
N ASP B 41 34.77 -81.89 -6.69
CA ASP B 41 35.14 -81.30 -7.98
C ASP B 41 34.15 -81.72 -9.07
N ARG B 42 33.80 -82.99 -9.11
N ARG B 42 33.80 -83.00 -9.12
CA ARG B 42 32.82 -83.47 -10.08
CA ARG B 42 32.82 -83.45 -10.11
C ARG B 42 31.45 -82.84 -9.84
C ARG B 42 31.45 -82.84 -9.85
N LYS B 43 31.09 -82.63 -8.58
CA LYS B 43 29.80 -82.03 -8.27
C LYS B 43 29.74 -80.57 -8.74
N VAL B 44 30.80 -79.80 -8.49
CA VAL B 44 30.84 -78.44 -9.01
C VAL B 44 30.89 -78.42 -10.52
N GLU B 45 31.56 -79.39 -11.16
CA GLU B 45 31.53 -79.49 -12.61
C GLU B 45 30.11 -79.66 -13.12
N GLU B 46 29.38 -80.61 -12.52
CA GLU B 46 27.99 -80.84 -12.94
C GLU B 46 27.13 -79.61 -12.70
N GLU B 47 27.34 -78.92 -11.57
CA GLU B 47 26.54 -77.73 -11.26
C GLU B 47 26.81 -76.61 -12.27
N LEU B 48 28.09 -76.40 -12.63
CA LEU B 48 28.42 -75.38 -13.62
C LEU B 48 27.84 -75.75 -14.98
N ARG B 49 27.86 -77.04 -15.32
CA ARG B 49 27.25 -77.49 -16.57
C ARG B 49 25.75 -77.19 -16.58
N LYS B 50 25.07 -77.45 -15.46
CA LYS B 50 23.65 -77.16 -15.38
C LYS B 50 23.39 -75.66 -15.51
N LEU B 51 24.19 -74.84 -14.84
CA LEU B 51 23.99 -73.39 -14.91
C LEU B 51 24.22 -72.87 -16.32
N PHE B 52 25.22 -73.42 -17.02
CA PHE B 52 25.45 -73.00 -18.40
C PHE B 52 24.40 -73.55 -19.35
N ASP B 53 23.75 -74.67 -19.00
CA ASP B 53 22.63 -75.14 -19.78
C ASP B 53 21.40 -74.26 -19.60
N ILE B 54 21.21 -73.73 -18.40
CA ILE B 54 20.09 -72.82 -18.17
C ILE B 54 20.35 -71.46 -18.81
N ARG B 55 21.51 -70.87 -18.52
CA ARG B 55 21.89 -69.57 -19.04
C ARG B 55 23.21 -69.71 -19.80
N PRO B 56 23.23 -69.46 -21.11
CA PRO B 56 24.44 -69.78 -21.89
C PRO B 56 25.58 -68.78 -21.74
N ILE B 57 25.29 -67.53 -21.37
CA ILE B 57 26.31 -66.49 -21.26
C ILE B 57 26.37 -66.01 -19.83
N TRP B 58 27.58 -65.95 -19.27
CA TRP B 58 27.78 -65.58 -17.88
C TRP B 58 29.01 -64.68 -17.75
N SER B 59 29.10 -64.03 -16.61
CA SER B 59 30.30 -63.35 -16.16
C SER B 59 30.91 -64.13 -15.00
N ARG B 60 32.21 -63.94 -14.79
CA ARG B 60 32.88 -64.64 -13.71
C ARG B 60 32.28 -64.29 -12.36
N ASN B 61 31.99 -63.01 -12.13
CA ASN B 61 31.38 -62.60 -10.87
C ASN B 61 29.97 -63.17 -10.73
N ALA B 62 29.25 -63.31 -11.84
CA ALA B 62 27.89 -63.86 -11.78
C ALA B 62 27.91 -65.31 -11.31
N VAL B 63 28.81 -66.12 -11.87
CA VAL B 63 28.89 -67.52 -11.45
C VAL B 63 29.52 -67.62 -10.06
N LYS B 64 30.35 -66.65 -9.68
CA LYS B 64 30.92 -66.65 -8.33
C LYS B 64 29.88 -66.34 -7.28
N ALA B 65 28.72 -65.81 -7.68
CA ALA B 65 27.61 -65.57 -6.77
C ALA B 65 26.54 -66.65 -6.86
N ASN B 66 26.87 -67.81 -7.41
CA ASN B 66 25.91 -68.89 -7.56
C ASN B 66 26.48 -70.21 -7.09
N ILE B 67 27.81 -70.38 -7.20
CA ILE B 67 28.49 -71.56 -6.71
C ILE B 67 29.63 -71.12 -5.79
N SER B 68 29.90 -71.95 -4.78
CA SER B 68 31.10 -71.81 -3.94
C SER B 68 32.13 -72.80 -4.49
N VAL B 69 33.10 -72.27 -5.23
CA VAL B 69 34.10 -73.09 -5.90
C VAL B 69 35.46 -72.43 -5.76
N HIS B 70 36.49 -73.24 -5.53
CA HIS B 70 37.83 -72.72 -5.34
C HIS B 70 38.28 -71.97 -6.60
N PRO B 71 38.99 -70.84 -6.46
CA PRO B 71 39.42 -70.09 -7.65
C PRO B 71 40.36 -70.86 -8.55
N ASP B 72 41.29 -71.62 -7.96
CA ASP B 72 42.21 -72.42 -8.77
C ASP B 72 41.47 -73.48 -9.57
N LYS B 73 40.44 -74.09 -8.96
CA LYS B 73 39.62 -75.05 -9.69
C LYS B 73 38.77 -74.36 -10.76
N LEU B 74 38.29 -73.15 -10.46
CA LEU B 74 37.46 -72.42 -11.42
C LEU B 74 38.24 -72.01 -12.66
N LYS B 75 39.48 -71.55 -12.47
CA LYS B 75 40.29 -71.08 -13.59
C LYS B 75 40.60 -72.20 -14.58
N VAL B 76 40.44 -73.46 -14.17
CA VAL B 76 40.62 -74.59 -15.07
C VAL B 76 39.29 -75.13 -15.57
N LEU B 77 38.26 -75.11 -14.72
CA LEU B 77 36.96 -75.66 -15.11
C LEU B 77 36.25 -74.76 -16.12
N LEU B 78 36.48 -73.44 -16.06
CA LEU B 78 35.78 -72.54 -16.96
C LEU B 78 36.18 -72.75 -18.42
N PRO B 79 37.46 -72.78 -18.80
CA PRO B 79 37.79 -73.00 -20.21
C PRO B 79 37.34 -74.35 -20.74
N PHE B 80 37.13 -75.33 -19.86
CA PHE B 80 36.65 -76.64 -20.31
C PHE B 80 35.17 -76.61 -20.68
N ILE B 81 34.39 -75.75 -20.03
CA ILE B 81 32.95 -75.70 -20.22
C ILE B 81 32.55 -74.66 -21.25
N ALA B 82 33.23 -73.51 -21.27
CA ALA B 82 32.83 -72.38 -22.10
C ALA B 82 34.06 -71.77 -22.76
N TYR B 83 33.81 -70.92 -23.76
CA TYR B 83 34.84 -70.14 -24.41
C TYR B 83 34.71 -68.67 -24.02
N TYR B 84 35.74 -67.89 -24.37
CA TYR B 84 35.88 -66.52 -23.91
C TYR B 84 35.83 -65.56 -25.09
N MET B 85 34.97 -64.54 -24.99
CA MET B 85 34.93 -63.45 -25.94
C MET B 85 35.77 -62.28 -25.44
N ILE B 86 36.39 -61.56 -26.37
CA ILE B 86 37.26 -60.45 -26.04
C ILE B 86 36.87 -59.15 -26.74
N THR B 87 36.06 -59.21 -27.80
CA THR B 87 35.51 -58.01 -28.40
C THR B 87 34.01 -58.15 -28.57
N GLY B 88 33.39 -57.18 -29.25
CA GLY B 88 31.98 -57.21 -29.52
C GLY B 88 31.14 -56.83 -28.31
N PRO B 89 29.83 -57.08 -28.38
CA PRO B 89 28.94 -56.71 -27.28
C PRO B 89 28.90 -57.70 -26.13
N TRP B 90 29.66 -58.80 -26.21
CA TRP B 90 29.67 -59.82 -25.16
C TRP B 90 31.08 -60.06 -24.63
N ARG B 91 31.97 -59.09 -24.76
CA ARG B 91 33.34 -59.26 -24.31
C ARG B 91 33.42 -59.48 -22.80
N SER B 92 34.52 -60.07 -22.36
CA SER B 92 34.77 -60.39 -20.96
C SER B 92 33.76 -61.37 -20.39
N LEU B 93 33.06 -62.11 -21.24
CA LEU B 93 32.05 -63.06 -20.83
C LEU B 93 32.38 -64.45 -21.35
N TRP B 94 31.95 -65.46 -20.59
CA TRP B 94 32.11 -66.86 -20.99
C TRP B 94 30.80 -67.36 -21.60
N ILE B 95 30.91 -68.12 -22.68
CA ILE B 95 29.76 -68.56 -23.47
C ILE B 95 29.88 -70.06 -23.72
N ARG B 96 28.78 -70.78 -23.52
CA ARG B 96 28.77 -72.23 -23.70
C ARG B 96 29.17 -72.60 -25.14
N PHE B 97 29.94 -73.69 -25.26
CA PHE B 97 30.41 -74.13 -26.56
C PHE B 97 29.23 -74.52 -27.44
N GLY B 98 29.26 -74.06 -28.69
CA GLY B 98 28.16 -74.28 -29.62
C GLY B 98 27.13 -73.16 -29.66
N TYR B 99 27.20 -72.21 -28.74
CA TYR B 99 26.25 -71.10 -28.68
C TYR B 99 26.89 -69.87 -29.31
N ASP B 100 26.30 -69.40 -30.41
CA ASP B 100 26.76 -68.19 -31.08
C ASP B 100 25.78 -67.07 -30.81
N PRO B 101 26.12 -66.10 -29.96
CA PRO B 101 25.17 -65.01 -29.66
C PRO B 101 24.84 -64.14 -30.86
N ARG B 102 25.69 -64.11 -31.88
CA ARG B 102 25.40 -63.34 -33.08
C ARG B 102 24.31 -63.96 -33.93
N LYS B 103 23.84 -65.16 -33.59
CA LYS B 103 22.77 -65.83 -34.31
C LYS B 103 21.54 -66.07 -33.43
N ASN B 104 21.54 -65.56 -32.20
CA ASN B 104 20.42 -65.72 -31.29
C ASN B 104 20.03 -64.36 -30.73
N PRO B 105 18.88 -63.80 -31.11
CA PRO B 105 18.50 -62.48 -30.59
C PRO B 105 18.23 -62.46 -29.10
N ASP B 106 17.88 -63.60 -28.51
CA ASP B 106 17.68 -63.65 -27.05
C ASP B 106 18.95 -63.28 -26.31
N ALA B 107 20.12 -63.61 -26.88
CA ALA B 107 21.40 -63.21 -26.30
C ALA B 107 21.52 -61.70 -26.11
N LYS B 108 20.61 -60.92 -26.70
CA LYS B 108 20.55 -59.49 -26.40
C LYS B 108 20.47 -59.23 -24.90
N ILE B 109 19.69 -60.05 -24.20
CA ILE B 109 19.54 -59.86 -22.75
C ILE B 109 20.80 -60.23 -21.98
N TYR B 110 21.78 -60.87 -22.63
CA TYR B 110 23.02 -61.24 -21.99
C TYR B 110 24.17 -60.32 -22.36
N GLN B 111 23.90 -59.22 -23.07
CA GLN B 111 24.96 -58.32 -23.49
C GLN B 111 25.57 -57.61 -22.28
N VAL B 112 26.78 -57.10 -22.48
CA VAL B 112 27.57 -56.50 -21.40
C VAL B 112 27.39 -54.99 -21.42
N LEU B 113 27.58 -54.37 -20.25
CA LEU B 113 27.53 -52.92 -20.12
C LEU B 113 28.56 -52.52 -19.07
N ASP B 114 29.54 -51.70 -19.46
CA ASP B 114 30.59 -51.25 -18.57
C ASP B 114 30.13 -49.96 -17.90
N PHE B 115 29.81 -50.03 -16.61
CA PHE B 115 29.32 -48.88 -15.85
C PHE B 115 30.45 -48.35 -14.98
N ARG B 116 30.85 -47.11 -15.24
CA ARG B 116 31.83 -46.39 -14.43
C ARG B 116 31.13 -45.28 -13.67
N ILE B 117 31.63 -45.00 -12.46
CA ILE B 117 30.99 -44.00 -11.62
C ILE B 117 31.21 -42.61 -12.19
N ARG B 118 30.25 -41.72 -11.95
CA ARG B 118 30.32 -40.35 -12.46
C ARG B 118 29.79 -39.37 -11.44
N LYS B 157 33.82 -71.38 2.08
CA LYS B 157 32.85 -70.84 1.13
C LYS B 157 33.50 -69.84 0.18
N TYR B 158 33.13 -69.90 -1.09
CA TYR B 158 33.66 -69.01 -2.11
C TYR B 158 32.57 -68.22 -2.84
N LYS B 159 31.31 -68.36 -2.42
CA LYS B 159 30.23 -67.63 -3.08
C LYS B 159 30.33 -66.14 -2.78
N LEU B 160 29.78 -65.33 -3.68
CA LEU B 160 29.80 -63.89 -3.56
C LEU B 160 28.38 -63.35 -3.39
N LYS B 161 28.30 -62.05 -3.08
CA LYS B 161 27.02 -61.39 -2.89
C LYS B 161 26.32 -61.18 -4.23
N ASP B 162 25.07 -60.72 -4.16
CA ASP B 162 24.31 -60.43 -5.37
C ASP B 162 24.67 -59.07 -5.95
N SER B 163 25.11 -58.12 -5.13
CA SER B 163 25.47 -56.79 -5.60
C SER B 163 26.68 -56.80 -6.52
N VAL B 164 27.44 -57.90 -6.58
CA VAL B 164 28.60 -57.97 -7.46
C VAL B 164 28.25 -58.13 -8.92
N TYR B 165 26.98 -58.35 -9.24
CA TYR B 165 26.58 -58.53 -10.63
C TYR B 165 25.13 -58.13 -10.88
N ILE B 166 24.38 -57.81 -9.82
CA ILE B 166 22.98 -57.43 -9.93
C ILE B 166 22.82 -55.99 -9.47
N PHE B 167 22.22 -55.17 -10.32
CA PHE B 167 21.93 -53.78 -10.01
C PHE B 167 20.48 -53.63 -9.60
N ARG B 168 20.24 -52.86 -8.54
CA ARG B 168 18.90 -52.68 -8.00
C ARG B 168 18.74 -51.25 -7.50
N GLU B 169 17.50 -50.76 -7.56
CA GLU B 169 17.19 -49.47 -6.97
C GLU B 169 17.32 -49.54 -5.46
N GLY B 170 17.76 -48.43 -4.87
CA GLY B 170 18.03 -48.43 -3.44
C GLY B 170 19.31 -49.16 -3.07
N ALA B 171 20.32 -49.12 -3.93
CA ALA B 171 21.59 -49.79 -3.68
C ALA B 171 22.67 -49.15 -4.53
N LEU B 172 23.92 -49.32 -4.10
CA LEU B 172 25.07 -48.79 -4.80
C LEU B 172 26.03 -49.91 -5.17
N PRO B 173 26.57 -49.89 -6.39
CA PRO B 173 27.50 -50.95 -6.78
C PRO B 173 28.75 -50.90 -5.94
N PRO B 174 29.34 -52.06 -5.63
CA PRO B 174 30.52 -52.06 -4.75
C PRO B 174 31.77 -51.51 -5.41
N TYR B 175 32.03 -51.87 -6.66
CA TYR B 175 33.27 -51.47 -7.32
C TYR B 175 33.11 -50.12 -8.02
N ARG B 176 34.25 -49.47 -8.25
CA ARG B 176 34.24 -48.20 -8.96
C ARG B 176 33.87 -48.38 -10.42
N GLN B 177 34.13 -49.55 -10.99
CA GLN B 177 33.71 -49.88 -12.34
C GLN B 177 33.19 -51.31 -12.36
N MET B 178 32.03 -51.50 -12.95
CA MET B 178 31.39 -52.81 -13.02
C MET B 178 31.10 -53.18 -14.47
N PHE B 179 30.93 -54.48 -14.70
CA PHE B 179 30.58 -55.04 -16.00
C PHE B 179 29.26 -55.78 -15.85
N TYR B 180 28.16 -55.03 -15.91
CA TYR B 180 26.85 -55.62 -15.72
C TYR B 180 26.40 -56.38 -16.96
N GLN B 181 25.51 -57.35 -16.75
CA GLN B 181 24.81 -58.02 -17.83
C GLN B 181 23.38 -57.53 -17.88
N LEU B 182 22.84 -57.40 -19.10
CA LEU B 182 21.56 -56.72 -19.28
C LEU B 182 20.42 -57.42 -18.54
N CYS B 183 20.52 -58.73 -18.34
CA CYS B 183 19.46 -59.46 -17.65
C CYS B 183 19.53 -59.32 -16.13
N ASP B 184 20.57 -58.69 -15.59
CA ASP B 184 20.75 -58.58 -14.16
C ASP B 184 20.47 -57.18 -13.63
N LEU B 185 19.85 -56.32 -14.42
CA LEU B 185 19.48 -54.97 -13.99
C LEU B 185 18.06 -55.02 -13.46
N ASN B 186 17.92 -55.15 -12.13
CA ASN B 186 16.63 -55.39 -11.50
C ASN B 186 15.88 -54.05 -11.31
N VAL B 187 15.53 -53.46 -12.44
CA VAL B 187 14.74 -52.22 -12.47
C VAL B 187 13.86 -52.26 -13.72
N GLU B 188 12.58 -51.92 -13.55
CA GLU B 188 11.63 -52.01 -14.66
C GLU B 188 11.94 -51.02 -15.77
N GLU B 189 12.46 -49.84 -15.42
CA GLU B 189 12.69 -48.80 -16.42
C GLU B 189 13.84 -49.17 -17.36
N LEU B 190 14.96 -49.62 -16.80
CA LEU B 190 16.05 -50.10 -17.65
C LEU B 190 15.63 -51.31 -18.48
N GLN B 191 14.76 -52.15 -17.92
CA GLN B 191 14.28 -53.31 -18.69
C GLN B 191 13.40 -52.87 -19.85
N LYS B 192 12.59 -51.83 -19.66
CA LYS B 192 11.82 -51.29 -20.78
C LYS B 192 12.73 -50.69 -21.83
N ILE B 193 13.77 -49.97 -21.40
CA ILE B 193 14.76 -49.43 -22.33
C ILE B 193 15.40 -50.56 -23.13
N ILE B 194 15.66 -51.69 -22.47
CA ILE B 194 16.32 -52.82 -23.14
C ILE B 194 15.37 -53.48 -24.13
N HIS B 195 14.11 -53.67 -23.74
CA HIS B 195 13.16 -54.47 -24.50
C HIS B 195 12.28 -53.66 -25.44
N ARG B 196 12.52 -52.35 -25.57
CA ARG B 196 11.74 -51.55 -26.49
C ARG B 196 11.81 -52.04 -27.94
N ASN B 197 12.82 -52.84 -28.28
CA ASN B 197 12.99 -53.34 -29.64
C ASN B 197 12.91 -54.86 -29.69
N ASP B 198 12.04 -55.44 -28.87
CA ASP B 198 11.85 -56.89 -28.86
C ASP B 198 11.01 -57.32 -30.05
N GLY B 199 11.48 -58.35 -30.76
CA GLY B 199 10.79 -58.85 -31.92
C GLY B 199 11.13 -58.15 -33.22
N ALA B 200 11.86 -57.04 -33.17
CA ALA B 200 12.25 -56.29 -34.35
C ALA B 200 13.75 -55.99 -34.31
N GLU B 201 14.54 -56.97 -33.91
CA GLU B 201 15.99 -56.79 -33.85
C GLU B 201 16.55 -56.62 -35.25
N ASN B 202 17.10 -55.43 -35.53
CA ASN B 202 17.57 -55.10 -36.86
C ASN B 202 18.77 -55.95 -37.28
N SER B 203 19.94 -55.67 -36.72
CA SER B 203 21.14 -56.40 -37.07
C SER B 203 22.14 -56.28 -35.92
N CYS B 204 22.91 -57.33 -35.71
CA CYS B 204 23.86 -57.39 -34.60
C CYS B 204 25.06 -56.51 -34.91
N THR B 205 25.06 -55.29 -34.38
CA THR B 205 26.21 -54.41 -34.51
C THR B 205 27.27 -54.80 -33.47
N GLU B 206 28.43 -54.17 -33.58
CA GLU B 206 29.54 -54.51 -32.69
C GLU B 206 29.42 -53.76 -31.36
N ARG B 207 29.19 -52.45 -31.42
CA ARG B 207 29.15 -51.63 -30.22
C ARG B 207 27.75 -51.53 -29.60
N ASP B 208 26.74 -52.09 -30.24
CA ASP B 208 25.39 -52.06 -29.70
C ASP B 208 24.67 -53.41 -29.75
N GLY B 209 25.11 -54.35 -30.56
CA GLY B 209 24.48 -55.66 -30.60
C GLY B 209 23.05 -55.60 -31.14
N TRP B 210 22.21 -56.46 -30.57
CA TRP B 210 20.79 -56.49 -30.96
C TRP B 210 20.00 -55.31 -30.41
N CYS B 211 20.59 -54.52 -29.52
CA CYS B 211 19.89 -53.40 -28.90
C CYS B 211 19.85 -52.20 -29.85
N LEU B 212 18.97 -51.25 -29.53
CA LEU B 212 18.90 -50.01 -30.28
C LEU B 212 20.17 -49.21 -30.09
N PRO B 213 20.54 -48.39 -31.08
CA PRO B 213 21.79 -47.62 -30.97
C PRO B 213 21.77 -46.68 -29.78
N LYS B 214 22.94 -46.53 -29.15
CA LYS B 214 23.14 -45.67 -27.98
C LYS B 214 22.28 -46.08 -26.79
N THR B 215 21.86 -47.35 -26.74
CA THR B 215 21.12 -47.82 -25.57
C THR B 215 21.99 -47.86 -24.33
N SER B 216 23.28 -48.17 -24.50
CA SER B 216 24.19 -48.22 -23.37
C SER B 216 24.29 -46.87 -22.68
N ASP B 217 24.32 -45.78 -23.45
CA ASP B 217 24.45 -44.46 -22.86
C ASP B 217 23.18 -44.07 -22.09
N GLU B 218 22.02 -44.36 -22.64
CA GLU B 218 20.77 -44.09 -21.92
C GLU B 218 20.70 -44.89 -20.63
N LEU B 219 21.07 -46.17 -20.69
CA LEU B 219 21.10 -47.00 -19.48
C LEU B 219 22.06 -46.41 -18.46
N ARG B 220 23.25 -46.00 -18.90
CA ARG B 220 24.24 -45.44 -17.99
C ARG B 220 23.73 -44.18 -17.31
N ASP B 221 23.10 -43.29 -18.09
CA ASP B 221 22.56 -42.05 -17.51
C ASP B 221 21.45 -42.36 -16.52
N THR B 222 20.58 -43.32 -16.83
CA THR B 222 19.51 -43.67 -15.92
C THR B 222 20.04 -44.26 -14.62
N MET B 223 21.04 -45.15 -14.71
CA MET B 223 21.61 -45.72 -13.49
C MET B 223 22.36 -44.68 -12.68
N SER B 224 23.00 -43.71 -13.33
CA SER B 224 23.64 -42.63 -12.60
C SER B 224 22.62 -41.78 -11.87
N LEU B 225 21.48 -41.49 -12.53
CA LEU B 225 20.41 -40.76 -11.86
C LEU B 225 19.88 -41.53 -10.65
N MET B 226 19.73 -42.85 -10.80
CA MET B 226 19.23 -43.65 -9.69
C MET B 226 20.22 -43.70 -8.55
N ILE B 227 21.52 -43.75 -8.85
CA ILE B 227 22.54 -43.70 -7.81
C ILE B 227 22.50 -42.36 -7.09
N ARG B 228 22.29 -41.28 -7.84
CA ARG B 228 22.18 -39.97 -7.21
C ARG B 228 20.95 -39.90 -6.30
N GLN B 229 19.84 -40.48 -6.74
CA GLN B 229 18.64 -40.50 -5.90
C GLN B 229 18.86 -41.31 -4.63
N THR B 230 19.53 -42.46 -4.75
CA THR B 230 19.83 -43.27 -3.59
C THR B 230 20.75 -42.54 -2.62
N ILE B 231 21.72 -41.79 -3.15
CA ILE B 231 22.62 -41.03 -2.29
C ILE B 231 21.87 -39.91 -1.58
N ARG B 232 20.98 -39.22 -2.31
CA ARG B 232 20.19 -38.15 -1.69
C ARG B 232 19.24 -38.68 -0.63
N SER B 233 18.75 -39.91 -0.81
CA SER B 233 17.85 -40.51 0.19
C SER B 233 18.56 -40.89 1.47
N LYS B 234 19.89 -40.71 1.56
CA LYS B 234 20.63 -41.08 2.76
C LYS B 234 21.50 -39.96 3.30
N ARG B 235 21.52 -38.79 2.66
CA ARG B 235 22.37 -37.68 3.09
C ARG B 235 21.49 -36.45 3.28
N PRO B 236 21.44 -35.86 4.50
CA PRO B 236 20.64 -34.67 4.76
C PRO B 236 21.37 -33.38 4.39
N PRO C 7 -51.30 77.49 36.70
CA PRO C 7 -51.25 77.46 38.17
C PRO C 7 -49.88 77.83 38.72
N HIS C 8 -48.89 77.94 37.82
CA HIS C 8 -47.51 78.22 38.20
C HIS C 8 -46.99 77.20 39.20
N ASN C 9 -47.38 75.94 39.02
CA ASN C 9 -46.98 74.83 39.87
C ASN C 9 -47.31 75.08 41.35
N ALA C 10 -48.41 75.77 41.61
CA ALA C 10 -48.85 76.06 42.96
C ALA C 10 -49.99 75.12 43.36
N ILE C 11 -50.18 74.99 44.66
CA ILE C 11 -51.25 74.18 45.23
C ILE C 11 -52.30 75.12 45.81
N PHE C 12 -53.57 74.82 45.53
CA PHE C 12 -54.68 75.68 45.90
C PHE C 12 -55.52 74.96 46.94
N VAL C 13 -55.73 75.62 48.08
CA VAL C 13 -56.37 75.01 49.24
C VAL C 13 -57.69 75.72 49.51
N ASN C 14 -58.76 74.95 49.62
CA ASN C 14 -60.04 75.47 50.07
C ASN C 14 -60.10 75.45 51.59
N PHE C 15 -61.00 76.27 52.14
CA PHE C 15 -61.16 76.32 53.59
C PHE C 15 -61.64 74.98 54.14
N GLU C 16 -62.38 74.22 53.35
CA GLU C 16 -62.94 72.94 53.78
C GLU C 16 -62.05 71.75 53.44
N ASP C 17 -60.87 71.98 52.86
CA ASP C 17 -59.96 70.89 52.58
C ASP C 17 -59.55 70.19 53.88
N GLU C 18 -59.51 68.86 53.84
CA GLU C 18 -59.22 68.10 55.05
C GLU C 18 -57.84 68.45 55.62
N GLU C 19 -56.82 68.50 54.76
CA GLU C 19 -55.48 68.82 55.20
C GLU C 19 -54.87 69.87 54.27
N VAL C 20 -53.74 70.42 54.72
CA VAL C 20 -52.99 71.42 53.96
C VAL C 20 -51.69 70.77 53.49
N PRO C 21 -51.12 71.20 52.38
CA PRO C 21 -49.87 70.58 51.90
C PRO C 21 -48.71 70.90 52.81
N LYS C 22 -47.77 69.95 52.89
CA LYS C 22 -46.56 70.10 53.68
C LYS C 22 -45.31 70.19 52.84
N GLN C 23 -45.40 69.98 51.53
CA GLN C 23 -44.26 70.04 50.64
C GLN C 23 -44.70 70.65 49.31
N PRO C 24 -43.85 71.42 48.65
CA PRO C 24 -44.23 72.00 47.36
C PRO C 24 -44.30 70.93 46.27
N LEU C 25 -44.88 71.32 45.15
CA LEU C 25 -44.94 70.44 43.99
C LEU C 25 -43.55 70.26 43.40
N GLU C 26 -43.26 69.04 42.93
CA GLU C 26 -41.96 68.75 42.36
C GLU C 26 -41.70 69.60 41.12
N ALA C 27 -42.74 69.87 40.33
CA ALA C 27 -42.59 70.74 39.17
C ALA C 27 -42.11 72.13 39.58
N ALA C 28 -42.60 72.63 40.71
CA ALA C 28 -42.14 73.94 41.19
C ALA C 28 -40.66 73.89 41.56
N ALA C 29 -40.22 72.81 42.21
CA ALA C 29 -38.82 72.68 42.57
C ALA C 29 -37.94 72.64 41.32
N GLN C 30 -38.35 71.89 40.30
CA GLN C 30 -37.56 71.81 39.07
C GLN C 30 -37.56 73.14 38.33
N THR C 31 -38.70 73.85 38.33
CA THR C 31 -38.76 75.16 37.68
C THR C 31 -37.87 76.16 38.38
N TRP C 32 -37.83 76.13 39.72
CA TRP C 32 -36.92 77.01 40.44
C TRP C 32 -35.47 76.63 40.19
N ARG C 33 -35.18 75.33 40.09
CA ARG C 33 -33.84 74.89 39.73
C ARG C 33 -33.42 75.47 38.38
N ARG C 34 -34.32 75.44 37.40
CA ARG C 34 -33.99 75.96 36.08
C ARG C 34 -33.87 77.48 36.09
N VAL C 35 -34.72 78.16 36.88
CA VAL C 35 -34.76 79.61 36.85
C VAL C 35 -33.60 80.21 37.65
N CYS C 36 -33.28 79.62 38.80
CA CYS C 36 -32.20 80.12 39.64
C CYS C 36 -30.86 80.06 38.90
N THR C 37 -30.42 81.20 38.38
CA THR C 37 -29.22 81.28 37.55
C THR C 37 -28.08 82.03 38.23
N ASN C 38 -28.36 83.14 38.89
CA ASN C 38 -27.36 83.98 39.53
C ASN C 38 -27.45 83.87 41.05
N PRO C 39 -26.36 84.18 41.76
CA PRO C 39 -26.40 84.08 43.23
C PRO C 39 -27.40 85.01 43.90
N VAL C 40 -27.76 86.12 43.25
CA VAL C 40 -28.79 87.00 43.80
C VAL C 40 -30.11 86.26 43.94
N ASP C 41 -30.37 85.29 43.06
CA ASP C 41 -31.58 84.49 43.17
C ASP C 41 -31.57 83.62 44.43
N ARG C 42 -30.44 82.98 44.72
CA ARG C 42 -30.33 82.22 45.96
C ARG C 42 -30.44 83.13 47.18
N LYS C 43 -29.89 84.34 47.09
CA LYS C 43 -29.97 85.28 48.20
C LYS C 43 -31.42 85.68 48.48
N VAL C 44 -32.17 86.04 47.43
CA VAL C 44 -33.56 86.44 47.64
C VAL C 44 -34.40 85.24 48.04
N GLU C 45 -34.02 84.03 47.61
CA GLU C 45 -34.71 82.83 48.08
C GLU C 45 -34.53 82.65 49.58
N GLU C 46 -33.29 82.79 50.06
CA GLU C 46 -33.05 82.69 51.50
C GLU C 46 -33.77 83.79 52.25
N GLU C 47 -33.84 84.99 51.68
CA GLU C 47 -34.55 86.09 52.33
C GLU C 47 -36.05 85.79 52.44
N LEU C 48 -36.64 85.24 51.38
CA LEU C 48 -38.05 84.87 51.43
C LEU C 48 -38.27 83.74 52.44
N ARG C 49 -37.34 82.80 52.53
CA ARG C 49 -37.42 81.75 53.54
C ARG C 49 -37.44 82.34 54.94
N LYS C 50 -36.55 83.30 55.19
CA LYS C 50 -36.50 83.94 56.50
C LYS C 50 -37.79 84.69 56.79
N LEU C 51 -38.30 85.43 55.81
CA LEU C 51 -39.54 86.19 56.01
C LEU C 51 -40.71 85.27 56.30
N PHE C 52 -40.79 84.13 55.61
CA PHE C 52 -41.88 83.19 55.84
C PHE C 52 -41.69 82.38 57.11
N ASP C 53 -40.45 82.26 57.61
CA ASP C 53 -40.23 81.65 58.90
C ASP C 53 -40.59 82.59 60.04
N ILE C 54 -40.44 83.90 59.83
CA ILE C 54 -40.86 84.87 60.84
C ILE C 54 -42.37 85.04 60.81
N ARG C 55 -42.92 85.39 59.65
CA ARG C 55 -44.35 85.55 59.48
C ARG C 55 -44.87 84.46 58.56
N PRO C 56 -45.74 83.55 59.02
CA PRO C 56 -46.11 82.40 58.19
C PRO C 56 -47.09 82.72 57.07
N ILE C 57 -47.86 83.81 57.18
CA ILE C 57 -48.87 84.15 56.19
C ILE C 57 -48.54 85.53 55.63
N TRP C 58 -48.42 85.62 54.31
CA TRP C 58 -48.05 86.85 53.63
C TRP C 58 -48.98 87.12 52.45
N SER C 59 -49.18 88.39 52.15
CA SER C 59 -49.80 88.83 50.91
C SER C 59 -48.71 89.24 49.93
N ARG C 60 -49.00 89.06 48.64
CA ARG C 60 -47.99 89.34 47.62
C ARG C 60 -47.57 90.80 47.62
N ASN C 61 -48.49 91.72 47.95
CA ASN C 61 -48.13 93.12 48.05
C ASN C 61 -47.29 93.39 49.30
N ALA C 62 -47.57 92.67 50.39
CA ALA C 62 -46.74 92.79 51.58
C ALA C 62 -45.32 92.26 51.32
N VAL C 63 -45.21 91.19 50.52
CA VAL C 63 -43.90 90.64 50.20
C VAL C 63 -43.14 91.59 49.29
N LYS C 64 -43.80 92.10 48.25
CA LYS C 64 -43.15 93.03 47.34
C LYS C 64 -42.75 94.33 48.02
N ALA C 65 -43.32 94.63 49.19
CA ALA C 65 -42.98 95.83 49.94
C ALA C 65 -41.86 95.60 50.95
N ASN C 66 -41.23 94.43 50.93
CA ASN C 66 -40.15 94.11 51.85
C ASN C 66 -38.86 93.74 51.14
N ILE C 67 -38.93 92.86 50.14
CA ILE C 67 -37.76 92.40 49.39
C ILE C 67 -37.93 92.80 47.94
N SER C 68 -36.85 93.35 47.35
CA SER C 68 -36.84 93.68 45.94
C SER C 68 -36.54 92.42 45.14
N VAL C 69 -37.51 91.97 44.35
CA VAL C 69 -37.38 90.74 43.57
C VAL C 69 -38.07 90.93 42.23
N HIS C 70 -37.52 90.30 41.20
CA HIS C 70 -38.09 90.40 39.86
C HIS C 70 -39.44 89.71 39.81
N PRO C 71 -40.41 90.26 39.08
CA PRO C 71 -41.76 89.66 39.05
C PRO C 71 -41.78 88.19 38.67
N ASP C 72 -41.08 87.79 37.61
CA ASP C 72 -41.09 86.39 37.20
C ASP C 72 -40.37 85.50 38.22
N LYS C 73 -39.25 85.98 38.76
CA LYS C 73 -38.56 85.23 39.79
C LYS C 73 -39.46 85.00 41.00
N LEU C 74 -40.23 86.02 41.39
CA LEU C 74 -41.14 85.86 42.52
C LEU C 74 -42.29 84.92 42.17
N LYS C 75 -42.82 85.02 40.95
CA LYS C 75 -43.90 84.15 40.52
C LYS C 75 -43.46 82.69 40.49
N VAL C 76 -42.16 82.45 40.29
CA VAL C 76 -41.66 81.09 40.34
C VAL C 76 -41.36 80.68 41.80
N LEU C 77 -40.86 81.63 42.60
CA LEU C 77 -40.38 81.30 43.94
C LEU C 77 -41.53 81.06 44.92
N LEU C 78 -42.61 81.82 44.80
CA LEU C 78 -43.70 81.72 45.77
C LEU C 78 -44.32 80.32 45.83
N PRO C 79 -44.68 79.67 44.72
CA PRO C 79 -45.22 78.31 44.82
C PRO C 79 -44.21 77.30 45.33
N PHE C 80 -42.92 77.62 45.32
CA PHE C 80 -41.91 76.73 45.87
C PHE C 80 -41.77 76.85 47.38
N ILE C 81 -42.19 77.97 47.95
CA ILE C 81 -42.03 78.23 49.37
C ILE C 81 -43.35 78.10 50.14
N ALA C 82 -44.44 78.57 49.55
CA ALA C 82 -45.73 78.61 50.25
C ALA C 82 -46.82 78.06 49.33
N TYR C 83 -47.95 77.71 49.95
CA TYR C 83 -49.14 77.32 49.23
C TYR C 83 -50.15 78.46 49.24
N TYR C 84 -51.12 78.38 48.33
CA TYR C 84 -52.09 79.43 48.09
C TYR C 84 -53.46 78.99 48.57
N MET C 85 -54.19 79.91 49.22
CA MET C 85 -55.53 79.64 49.71
C MET C 85 -56.56 80.27 48.79
N ILE C 86 -57.63 79.52 48.53
CA ILE C 86 -58.67 79.95 47.60
C ILE C 86 -59.90 80.47 48.34
N THR C 87 -60.33 79.78 49.39
CA THR C 87 -61.48 80.20 50.19
C THR C 87 -61.07 80.31 51.66
N GLY C 88 -61.91 81.00 52.43
CA GLY C 88 -61.71 81.11 53.84
C GLY C 88 -61.28 82.49 54.29
N PRO C 89 -61.02 82.65 55.58
CA PRO C 89 -60.61 83.98 56.10
C PRO C 89 -59.22 84.39 55.66
N TRP C 90 -58.36 83.45 55.25
CA TRP C 90 -57.02 83.75 54.79
C TRP C 90 -56.89 83.63 53.27
N ARG C 91 -57.99 83.84 52.55
CA ARG C 91 -57.99 83.70 51.11
C ARG C 91 -57.06 84.73 50.46
N SER C 92 -56.61 84.39 49.25
CA SER C 92 -55.69 85.22 48.46
C SER C 92 -54.37 85.48 49.17
N LEU C 93 -53.98 84.60 50.10
CA LEU C 93 -52.75 84.74 50.84
C LEU C 93 -51.88 83.50 50.66
N TRP C 94 -50.58 83.68 50.84
CA TRP C 94 -49.60 82.60 50.74
C TRP C 94 -49.18 82.19 52.14
N ILE C 95 -49.27 80.88 52.42
CA ILE C 95 -48.97 80.35 53.74
C ILE C 95 -47.85 79.33 53.62
N ARG C 96 -46.86 79.44 54.51
CA ARG C 96 -45.72 78.53 54.53
C ARG C 96 -46.20 77.08 54.60
N PHE C 97 -45.51 76.20 53.87
CA PHE C 97 -45.87 74.80 53.84
C PHE C 97 -45.74 74.17 55.22
N GLY C 98 -46.80 73.49 55.65
CA GLY C 98 -46.81 72.87 56.96
C GLY C 98 -47.42 73.71 58.06
N TYR C 99 -48.16 74.76 57.73
CA TYR C 99 -48.81 75.62 58.72
C TYR C 99 -50.29 75.71 58.40
N ASP C 100 -51.12 75.18 59.30
CA ASP C 100 -52.56 75.24 59.13
C ASP C 100 -53.11 76.35 60.02
N PRO C 101 -53.55 77.48 59.46
CA PRO C 101 -54.10 78.55 60.31
C PRO C 101 -55.39 78.15 61.02
N ARG C 102 -56.11 77.14 60.51
CA ARG C 102 -57.31 76.67 61.17
C ARG C 102 -57.03 75.91 62.46
N LYS C 103 -55.76 75.68 62.78
CA LYS C 103 -55.37 75.01 64.02
C LYS C 103 -54.45 75.88 64.87
N ASN C 104 -54.23 77.13 64.47
CA ASN C 104 -53.39 78.06 65.23
C ASN C 104 -54.18 79.35 65.44
N PRO C 105 -54.67 79.59 66.66
CA PRO C 105 -55.42 80.84 66.90
C PRO C 105 -54.60 82.09 66.68
N ASP C 106 -53.27 82.02 66.88
CA ASP C 106 -52.42 83.17 66.64
C ASP C 106 -52.47 83.66 65.20
N ALA C 107 -52.94 82.82 64.27
CA ALA C 107 -53.13 83.24 62.89
C ALA C 107 -54.26 84.24 62.71
N LYS C 108 -54.99 84.56 63.78
CA LYS C 108 -56.07 85.53 63.67
C LYS C 108 -55.57 86.88 63.15
N ILE C 109 -54.38 87.28 63.58
CA ILE C 109 -53.83 88.56 63.13
C ILE C 109 -53.44 88.53 61.66
N TYR C 110 -53.33 87.35 61.06
CA TYR C 110 -52.96 87.22 59.66
C TYR C 110 -54.15 87.10 58.73
N GLN C 111 -55.38 87.19 59.26
CA GLN C 111 -56.56 87.06 58.42
C GLN C 111 -56.68 88.25 57.48
N VAL C 112 -57.38 88.03 56.37
CA VAL C 112 -57.52 89.04 55.32
C VAL C 112 -58.76 89.86 55.57
N LEU C 113 -58.81 91.04 54.95
CA LEU C 113 -59.95 91.93 55.05
C LEU C 113 -60.06 92.73 53.76
N ASP C 114 -61.22 92.66 53.11
CA ASP C 114 -61.48 93.50 51.95
C ASP C 114 -61.86 94.90 52.41
N PHE C 115 -61.38 95.91 51.68
CA PHE C 115 -61.74 97.29 51.94
C PHE C 115 -62.00 97.97 50.61
N ARG C 116 -63.27 98.24 50.31
CA ARG C 116 -63.66 98.92 49.08
C ARG C 116 -64.03 100.36 49.40
N ILE C 117 -63.46 101.29 48.63
CA ILE C 117 -63.73 102.71 48.84
C ILE C 117 -64.89 103.17 47.96
N LYS C 157 -34.92 98.76 41.08
CA LYS C 157 -35.42 98.02 42.24
C LYS C 157 -36.88 97.63 42.01
N TYR C 158 -37.40 96.74 42.86
CA TYR C 158 -38.77 96.29 42.75
C TYR C 158 -39.56 96.42 44.05
N LYS C 159 -38.94 96.93 45.12
CA LYS C 159 -39.65 97.10 46.38
C LYS C 159 -40.71 98.19 46.26
N LEU C 160 -41.81 98.02 46.99
CA LEU C 160 -42.90 98.96 47.02
C LEU C 160 -42.93 99.72 48.34
N LYS C 161 -43.89 100.64 48.45
CA LYS C 161 -44.05 101.44 49.65
C LYS C 161 -44.70 100.62 50.76
N ASP C 162 -44.82 101.24 51.94
CA ASP C 162 -45.51 100.60 53.06
C ASP C 162 -47.02 100.74 52.97
N SER C 163 -47.52 101.74 52.24
CA SER C 163 -48.96 101.97 52.16
C SER C 163 -49.68 100.93 51.32
N VAL C 164 -48.96 100.16 50.49
CA VAL C 164 -49.60 99.13 49.68
C VAL C 164 -50.07 97.94 50.50
N TYR C 165 -49.77 97.91 51.79
CA TYR C 165 -50.23 96.82 52.64
C TYR C 165 -50.43 97.21 54.09
N ILE C 166 -50.20 98.47 54.47
CA ILE C 166 -50.34 98.91 55.86
C ILE C 166 -51.26 100.13 55.89
N PHE C 167 -52.30 100.06 56.72
CA PHE C 167 -53.22 101.16 56.93
C PHE C 167 -52.80 101.94 58.16
N ARG C 168 -52.68 103.26 58.02
CA ARG C 168 -52.26 104.12 59.11
C ARG C 168 -53.06 105.41 59.08
N GLU C 169 -53.22 106.01 60.27
CA GLU C 169 -53.87 107.30 60.37
C GLU C 169 -53.07 108.37 59.66
N GLY C 170 -53.77 109.36 59.10
CA GLY C 170 -53.14 110.40 58.31
C GLY C 170 -52.81 110.01 56.90
N ALA C 171 -52.80 108.72 56.57
CA ALA C 171 -52.50 108.24 55.24
C ALA C 171 -53.77 107.69 54.59
N LEU C 172 -53.77 107.69 53.25
CA LEU C 172 -54.90 107.22 52.47
C LEU C 172 -54.50 105.98 51.67
N PRO C 173 -55.42 105.04 51.49
CA PRO C 173 -55.10 103.82 50.72
C PRO C 173 -54.72 104.16 49.30
N PRO C 174 -53.65 103.54 48.78
CA PRO C 174 -53.23 103.88 47.41
C PRO C 174 -54.20 103.41 46.35
N TYR C 175 -54.77 102.23 46.50
CA TYR C 175 -55.71 101.68 45.52
C TYR C 175 -57.15 101.96 45.95
N ARG C 176 -58.07 101.76 45.01
CA ARG C 176 -59.49 101.97 45.30
C ARG C 176 -60.03 100.89 46.23
N GLN C 177 -59.86 99.62 45.84
CA GLN C 177 -60.25 98.48 46.64
C GLN C 177 -59.01 97.67 46.98
N MET C 178 -58.80 97.40 48.27
CA MET C 178 -57.57 96.81 48.74
C MET C 178 -57.86 95.59 49.60
N PHE C 179 -56.81 94.77 49.77
CA PHE C 179 -56.83 93.59 50.65
C PHE C 179 -55.82 93.82 51.76
N TYR C 180 -56.29 94.07 52.97
CA TYR C 180 -55.44 94.29 54.12
C TYR C 180 -55.27 93.00 54.92
N GLN C 181 -54.17 92.91 55.65
CA GLN C 181 -53.98 91.87 56.66
C GLN C 181 -54.12 92.50 58.04
N LEU C 182 -54.84 91.80 58.92
CA LEU C 182 -55.24 92.39 60.19
C LEU C 182 -54.04 92.84 61.03
N CYS C 183 -52.89 92.19 60.86
CA CYS C 183 -51.71 92.58 61.61
C CYS C 183 -51.07 93.86 61.10
N ASP C 184 -51.51 94.38 59.96
CA ASP C 184 -50.91 95.56 59.34
C ASP C 184 -51.82 96.79 59.44
N LEU C 185 -52.73 96.82 60.41
CA LEU C 185 -53.57 97.98 60.68
C LEU C 185 -52.99 98.69 61.90
N ASN C 186 -52.06 99.62 61.65
CA ASN C 186 -51.28 100.26 62.71
C ASN C 186 -52.11 101.35 63.39
N VAL C 187 -53.18 100.89 64.06
CA VAL C 187 -54.08 101.78 64.79
C VAL C 187 -54.60 101.03 66.01
N GLU C 188 -54.54 101.70 67.17
CA GLU C 188 -54.88 101.02 68.43
C GLU C 188 -56.36 100.67 68.51
N GLU C 189 -57.23 101.43 67.84
CA GLU C 189 -58.66 101.14 67.90
C GLU C 189 -59.00 99.88 67.10
N LEU C 190 -58.50 99.80 65.87
CA LEU C 190 -58.70 98.57 65.09
C LEU C 190 -58.03 97.38 65.76
N GLN C 191 -56.87 97.61 66.37
CA GLN C 191 -56.19 96.52 67.07
C GLN C 191 -56.99 96.04 68.27
N LYS C 192 -57.62 96.96 68.99
CA LYS C 192 -58.50 96.56 70.09
C LYS C 192 -59.70 95.77 69.57
N ILE C 193 -60.30 96.25 68.48
CA ILE C 193 -61.42 95.52 67.87
C ILE C 193 -61.01 94.10 67.51
N ILE C 194 -59.80 93.94 66.98
CA ILE C 194 -59.35 92.63 66.52
C ILE C 194 -59.02 91.73 67.70
N HIS C 195 -58.31 92.25 68.70
CA HIS C 195 -57.83 91.47 69.83
C HIS C 195 -58.85 91.36 70.96
N ARG C 196 -60.07 91.87 70.76
CA ARG C 196 -61.11 91.75 71.78
C ARG C 196 -61.27 90.32 72.30
N ASN C 197 -61.23 89.34 71.40
CA ASN C 197 -61.48 87.95 71.75
C ASN C 197 -60.19 87.15 71.91
N ASP C 198 -59.12 87.78 72.38
CA ASP C 198 -57.86 87.08 72.59
C ASP C 198 -57.98 86.10 73.75
N GLY C 199 -57.46 84.89 73.53
CA GLY C 199 -57.53 83.85 74.53
C GLY C 199 -58.88 83.19 74.71
N ALA C 200 -59.89 83.61 73.93
CA ALA C 200 -61.23 83.04 74.02
C ALA C 200 -61.75 82.62 72.65
N GLU C 201 -60.87 82.37 71.69
CA GLU C 201 -61.28 81.94 70.37
C GLU C 201 -61.82 80.52 70.44
N ASN C 202 -63.14 80.37 70.27
CA ASN C 202 -63.76 79.05 70.39
C ASN C 202 -63.56 78.23 69.12
N SER C 203 -64.17 78.67 68.02
CA SER C 203 -64.11 77.96 66.75
C SER C 203 -63.66 78.91 65.65
N CYS C 204 -63.36 78.34 64.49
CA CYS C 204 -62.89 79.09 63.33
C CYS C 204 -63.93 78.97 62.23
N THR C 205 -64.65 80.06 61.98
CA THR C 205 -65.66 80.09 60.93
C THR C 205 -65.04 80.55 59.61
N GLU C 206 -65.83 80.46 58.54
CA GLU C 206 -65.39 80.94 57.24
C GLU C 206 -65.62 82.42 57.06
N ARG C 207 -66.52 83.02 57.84
CA ARG C 207 -66.82 84.45 57.70
C ARG C 207 -65.73 85.31 58.32
N ASP C 208 -65.51 85.16 59.63
CA ASP C 208 -64.55 85.98 60.34
C ASP C 208 -63.41 85.18 60.98
N GLY C 209 -63.38 83.87 60.79
CA GLY C 209 -62.29 83.08 61.33
C GLY C 209 -62.32 83.05 62.85
N TRP C 210 -61.15 83.26 63.45
CA TRP C 210 -61.06 83.28 64.91
C TRP C 210 -61.62 84.57 65.51
N CYS C 211 -61.89 85.58 64.69
CA CYS C 211 -62.39 86.85 65.20
C CYS C 211 -63.84 86.73 65.66
N LEU C 212 -64.27 87.71 66.44
CA LEU C 212 -65.67 87.79 66.83
C LEU C 212 -66.54 88.06 65.61
N PRO C 213 -67.81 87.63 65.65
CA PRO C 213 -68.65 87.77 64.46
C PRO C 213 -68.83 89.22 64.03
N LYS C 214 -68.85 89.43 62.72
CA LYS C 214 -69.04 90.75 62.11
C LYS C 214 -67.93 91.72 62.50
N THR C 215 -66.74 91.20 62.79
CA THR C 215 -65.60 92.07 63.09
C THR C 215 -65.14 92.82 61.85
N SER C 216 -65.22 92.17 60.68
CA SER C 216 -64.74 92.78 59.45
C SER C 216 -65.55 94.03 59.11
N ASP C 217 -66.86 93.99 59.32
CA ASP C 217 -67.69 95.16 59.01
C ASP C 217 -67.40 96.31 59.97
N GLU C 218 -67.19 96.00 61.25
CA GLU C 218 -66.82 97.05 62.20
C GLU C 218 -65.50 97.69 61.82
N LEU C 219 -64.50 96.87 61.45
CA LEU C 219 -63.22 97.40 61.01
C LEU C 219 -63.40 98.26 59.76
N ARG C 220 -64.23 97.82 58.82
CA ARG C 220 -64.47 98.57 57.59
C ARG C 220 -65.06 99.94 57.90
N ASP C 221 -66.09 99.98 58.75
CA ASP C 221 -66.73 101.25 59.08
C ASP C 221 -65.78 102.17 59.83
N THR C 222 -65.00 101.62 60.76
CA THR C 222 -64.05 102.43 61.52
C THR C 222 -62.98 103.02 60.61
N MET C 223 -62.48 102.21 59.67
CA MET C 223 -61.46 102.72 58.75
C MET C 223 -62.05 103.74 57.78
N SER C 224 -63.31 103.58 57.39
CA SER C 224 -63.96 104.60 56.56
C SER C 224 -64.09 105.91 57.31
N LEU C 225 -64.46 105.84 58.60
CA LEU C 225 -64.57 107.06 59.41
C LEU C 225 -63.20 107.71 59.58
N MET C 226 -62.17 106.92 59.84
CA MET C 226 -60.82 107.46 59.97
C MET C 226 -60.37 108.13 58.67
N ILE C 227 -60.68 107.50 57.54
CA ILE C 227 -60.45 108.13 56.23
C ILE C 227 -61.12 109.50 56.20
N ARG C 228 -62.46 109.52 56.31
CA ARG C 228 -63.20 110.79 56.26
C ARG C 228 -62.56 111.85 57.15
N GLN C 229 -62.14 111.46 58.36
CA GLN C 229 -61.46 112.41 59.25
C GLN C 229 -60.17 112.91 58.63
N THR C 230 -59.43 112.03 57.93
CA THR C 230 -58.18 112.46 57.31
C THR C 230 -58.42 113.41 56.15
N ILE C 231 -59.36 113.06 55.26
CA ILE C 231 -59.67 113.95 54.14
C ILE C 231 -60.16 115.31 54.64
N ARG C 232 -60.86 115.32 55.78
CA ARG C 232 -61.30 116.59 56.36
C ARG C 232 -60.11 117.50 56.66
N SER C 233 -59.15 117.00 57.43
CA SER C 233 -57.98 117.79 57.80
C SER C 233 -57.06 118.01 56.59
N PRO D 7 10.09 1.08 -6.68
CA PRO D 7 10.37 0.05 -7.69
C PRO D 7 9.14 -0.25 -8.54
N HIS D 8 8.83 0.65 -9.47
CA HIS D 8 7.65 0.53 -10.33
C HIS D 8 6.36 0.47 -9.52
N ASN D 9 6.39 1.02 -8.31
CA ASN D 9 5.23 1.03 -7.41
C ASN D 9 4.72 -0.38 -7.12
N ALA D 10 5.64 -1.33 -7.02
CA ALA D 10 5.30 -2.72 -6.78
C ALA D 10 5.56 -3.08 -5.32
N ILE D 11 4.71 -3.94 -4.78
CA ILE D 11 4.85 -4.42 -3.41
C ILE D 11 5.68 -5.71 -3.43
N PHE D 12 6.73 -5.75 -2.61
CA PHE D 12 7.65 -6.88 -2.55
C PHE D 12 7.38 -7.64 -1.26
N VAL D 13 7.07 -8.93 -1.39
CA VAL D 13 6.65 -9.76 -0.27
C VAL D 13 7.68 -10.85 -0.03
N ASN D 14 7.98 -11.10 1.24
CA ASN D 14 8.87 -12.18 1.64
C ASN D 14 8.04 -13.40 2.05
N PHE D 15 8.68 -14.57 1.98
CA PHE D 15 8.02 -15.80 2.42
C PHE D 15 7.68 -15.75 3.90
N GLU D 16 8.48 -15.02 4.69
CA GLU D 16 8.28 -14.91 6.12
C GLU D 16 7.29 -13.81 6.51
N ASP D 17 6.81 -13.04 5.55
CA ASP D 17 5.80 -12.02 5.84
C ASP D 17 4.51 -12.69 6.31
N GLU D 18 3.81 -12.01 7.22
CA GLU D 18 2.60 -12.61 7.79
C GLU D 18 1.41 -12.47 6.85
N GLU D 19 1.22 -11.29 6.28
CA GLU D 19 0.08 -11.03 5.40
C GLU D 19 0.56 -10.68 4.00
N VAL D 20 -0.29 -10.97 3.02
CA VAL D 20 -0.03 -10.62 1.62
C VAL D 20 -0.90 -9.42 1.25
N PRO D 21 -0.47 -8.56 0.34
CA PRO D 21 -1.28 -7.39 -0.01
C PRO D 21 -2.56 -7.79 -0.72
N LYS D 22 -3.64 -7.09 -0.39
CA LYS D 22 -4.94 -7.33 -1.00
C LYS D 22 -5.34 -6.27 -2.02
N GLN D 23 -4.65 -5.13 -2.04
CA GLN D 23 -4.93 -4.05 -2.97
C GLN D 23 -3.62 -3.46 -3.46
N PRO D 24 -3.58 -2.98 -4.71
CA PRO D 24 -2.35 -2.38 -5.22
C PRO D 24 -2.07 -1.04 -4.58
N LEU D 25 -0.86 -0.55 -4.80
CA LEU D 25 -0.49 0.79 -4.36
C LEU D 25 -1.30 1.83 -5.13
N GLU D 26 -1.75 2.86 -4.41
CA GLU D 26 -2.49 3.94 -5.06
C GLU D 26 -1.64 4.65 -6.10
N ALA D 27 -0.32 4.76 -5.85
CA ALA D 27 0.57 5.35 -6.84
C ALA D 27 0.57 4.53 -8.12
N ALA D 28 0.50 3.20 -8.01
CA ALA D 28 0.43 2.36 -9.20
C ALA D 28 -0.88 2.59 -9.95
N ALA D 29 -1.98 2.75 -9.23
CA ALA D 29 -3.26 3.02 -9.88
C ALA D 29 -3.23 4.35 -10.62
N GLN D 30 -2.63 5.38 -10.00
CA GLN D 30 -2.54 6.68 -10.66
C GLN D 30 -1.62 6.61 -11.87
N THR D 31 -0.52 5.86 -11.77
CA THR D 31 0.39 5.72 -12.90
C THR D 31 -0.28 5.01 -14.06
N TRP D 32 -1.08 3.97 -13.77
CA TRP D 32 -1.80 3.28 -14.83
C TRP D 32 -2.88 4.17 -15.43
N ARG D 33 -3.53 4.99 -14.59
CA ARG D 33 -4.50 5.95 -15.10
C ARG D 33 -3.85 6.93 -16.06
N ARG D 34 -2.62 7.38 -15.74
CA ARG D 34 -1.91 8.27 -16.64
C ARG D 34 -1.47 7.56 -17.91
N VAL D 35 -1.09 6.28 -17.79
CA VAL D 35 -0.48 5.58 -18.92
C VAL D 35 -1.54 5.01 -19.86
N CYS D 36 -2.68 4.59 -19.33
CA CYS D 36 -3.75 4.01 -20.14
C CYS D 36 -4.49 5.12 -20.88
N THR D 37 -4.05 5.40 -22.11
CA THR D 37 -4.66 6.43 -22.93
C THR D 37 -5.43 5.90 -24.13
N ASN D 38 -5.13 4.69 -24.60
CA ASN D 38 -5.76 4.12 -25.78
C ASN D 38 -6.71 2.99 -25.40
N PRO D 39 -7.71 2.71 -26.23
CA PRO D 39 -8.57 1.55 -25.96
C PRO D 39 -7.82 0.23 -25.89
N VAL D 40 -6.73 0.09 -26.65
CA VAL D 40 -5.97 -1.16 -26.65
C VAL D 40 -5.35 -1.40 -25.29
N ASP D 41 -4.91 -0.34 -24.61
CA ASP D 41 -4.35 -0.50 -23.27
C ASP D 41 -5.38 -1.05 -22.30
N ARG D 42 -6.61 -0.52 -22.35
CA ARG D 42 -7.66 -1.01 -21.48
C ARG D 42 -8.06 -2.45 -21.84
N LYS D 43 -8.03 -2.77 -23.13
CA LYS D 43 -8.35 -4.13 -23.55
C LYS D 43 -7.31 -5.13 -23.04
N VAL D 44 -6.02 -4.78 -23.14
CA VAL D 44 -5.00 -5.69 -22.63
C VAL D 44 -5.03 -5.73 -21.12
N GLU D 45 -5.48 -4.65 -20.46
CA GLU D 45 -5.67 -4.71 -19.02
C GLU D 45 -6.76 -5.72 -18.66
N GLU D 46 -7.88 -5.69 -19.37
CA GLU D 46 -8.94 -6.67 -19.14
C GLU D 46 -8.45 -8.08 -19.42
N GLU D 47 -7.66 -8.25 -20.48
CA GLU D 47 -7.13 -9.58 -20.81
C GLU D 47 -6.21 -10.10 -19.71
N LEU D 48 -5.33 -9.23 -19.18
CA LEU D 48 -4.44 -9.64 -18.10
C LEU D 48 -5.23 -9.96 -16.84
N ARG D 49 -6.30 -9.20 -16.57
CA ARG D 49 -7.15 -9.51 -15.43
C ARG D 49 -7.80 -10.87 -15.57
N LYS D 50 -8.30 -11.19 -16.77
CA LYS D 50 -8.87 -12.51 -17.01
C LYS D 50 -7.81 -13.60 -16.85
N LEU D 51 -6.61 -13.34 -17.35
CA LEU D 51 -5.52 -14.31 -17.22
C LEU D 51 -5.21 -14.60 -15.76
N PHE D 52 -5.09 -13.55 -14.95
CA PHE D 52 -4.78 -13.73 -13.53
C PHE D 52 -5.97 -14.30 -12.77
N ASP D 53 -7.19 -14.15 -13.30
CA ASP D 53 -8.34 -14.86 -12.71
C ASP D 53 -8.23 -16.36 -12.97
N ILE D 54 -7.88 -16.73 -14.21
CA ILE D 54 -7.75 -18.16 -14.53
C ILE D 54 -6.59 -18.78 -13.77
N ARG D 55 -5.42 -18.16 -13.84
CA ARG D 55 -4.21 -18.65 -13.17
C ARG D 55 -3.68 -17.57 -12.24
N PRO D 56 -3.59 -17.82 -10.93
CA PRO D 56 -3.21 -16.73 -10.01
C PRO D 56 -1.72 -16.43 -9.95
N ILE D 57 -0.86 -17.35 -10.38
CA ILE D 57 0.59 -17.17 -10.33
C ILE D 57 1.13 -17.17 -11.75
N TRP D 58 1.89 -16.13 -12.10
CA TRP D 58 2.43 -16.00 -13.45
C TRP D 58 3.86 -15.49 -13.39
N SER D 59 4.64 -15.89 -14.39
CA SER D 59 5.97 -15.34 -14.62
C SER D 59 5.93 -14.38 -15.80
N ARG D 60 6.92 -13.49 -15.85
CA ARG D 60 6.95 -12.47 -16.89
C ARG D 60 6.97 -13.09 -18.28
N ASN D 61 7.86 -14.07 -18.49
CA ASN D 61 7.94 -14.72 -19.79
C ASN D 61 6.67 -15.51 -20.10
N ALA D 62 6.06 -16.12 -19.08
CA ALA D 62 4.80 -16.82 -19.28
C ALA D 62 3.70 -15.86 -19.70
N VAL D 63 3.69 -14.66 -19.12
CA VAL D 63 2.68 -13.66 -19.49
C VAL D 63 2.92 -13.18 -20.92
N LYS D 64 4.18 -12.87 -21.25
CA LYS D 64 4.51 -12.42 -22.60
C LYS D 64 4.22 -13.48 -23.65
N ALA D 65 4.19 -14.75 -23.27
CA ALA D 65 3.87 -15.83 -24.20
C ALA D 65 2.39 -16.04 -24.38
N ASN D 66 1.54 -15.26 -23.71
CA ASN D 66 0.10 -15.43 -23.79
C ASN D 66 -0.66 -14.17 -24.19
N ILE D 67 0.00 -13.02 -24.24
CA ILE D 67 -0.67 -11.77 -24.61
C ILE D 67 0.40 -10.79 -25.09
N SER D 68 0.09 -10.09 -26.17
CA SER D 68 0.98 -9.09 -26.75
C SER D 68 0.74 -7.75 -26.07
N VAL D 69 1.79 -7.16 -25.50
CA VAL D 69 1.68 -5.89 -24.79
C VAL D 69 3.04 -5.22 -24.80
N HIS D 70 3.03 -3.89 -24.84
CA HIS D 70 4.27 -3.13 -24.88
C HIS D 70 5.03 -3.31 -23.56
N PRO D 71 6.36 -3.33 -23.60
CA PRO D 71 7.13 -3.54 -22.35
C PRO D 71 6.88 -2.49 -21.29
N ASP D 72 6.78 -1.21 -21.67
CA ASP D 72 6.50 -0.17 -20.68
C ASP D 72 5.09 -0.32 -20.13
N LYS D 73 4.11 -0.55 -21.00
CA LYS D 73 2.74 -0.76 -20.55
C LYS D 73 2.67 -1.96 -19.60
N LEU D 74 3.42 -3.02 -19.89
CA LEU D 74 3.41 -4.19 -19.02
C LEU D 74 4.08 -3.88 -17.68
N LYS D 75 5.20 -3.16 -17.71
CA LYS D 75 5.89 -2.82 -16.46
C LYS D 75 5.05 -1.90 -15.59
N VAL D 76 4.15 -1.12 -16.21
CA VAL D 76 3.26 -0.28 -15.43
C VAL D 76 2.05 -1.06 -14.95
N LEU D 77 1.55 -2.00 -15.77
CA LEU D 77 0.30 -2.68 -15.47
C LEU D 77 0.47 -3.82 -14.47
N LEU D 78 1.61 -4.52 -14.50
CA LEU D 78 1.80 -5.66 -13.61
C LEU D 78 1.67 -5.31 -12.13
N PRO D 79 2.33 -4.27 -11.60
CA PRO D 79 2.15 -3.94 -10.18
C PRO D 79 0.75 -3.47 -9.83
N PHE D 80 -0.05 -3.06 -10.81
CA PHE D 80 -1.44 -2.68 -10.57
C PHE D 80 -2.35 -3.88 -10.38
N ILE D 81 -1.98 -5.02 -10.96
CA ILE D 81 -2.81 -6.22 -10.86
C ILE D 81 -2.25 -7.23 -9.86
N ALA D 82 -0.92 -7.31 -9.70
CA ALA D 82 -0.30 -8.38 -8.93
C ALA D 82 0.81 -7.80 -8.05
N TYR D 83 1.25 -8.62 -7.11
CA TYR D 83 2.42 -8.33 -6.29
C TYR D 83 3.55 -9.30 -6.62
N TYR D 84 4.73 -8.97 -6.12
CA TYR D 84 5.97 -9.66 -6.48
C TYR D 84 6.62 -10.21 -5.22
N MET D 85 6.98 -11.49 -5.26
CA MET D 85 7.69 -12.14 -4.15
C MET D 85 9.18 -12.24 -4.42
N ILE D 86 9.97 -12.07 -3.36
CA ILE D 86 11.42 -12.02 -3.48
C ILE D 86 12.05 -13.28 -2.90
N THR D 87 11.43 -13.86 -1.88
CA THR D 87 11.95 -15.07 -1.25
C THR D 87 10.85 -16.11 -1.13
N GLY D 88 11.25 -17.37 -1.17
CA GLY D 88 10.34 -18.48 -1.00
C GLY D 88 10.23 -19.36 -2.23
N PRO D 89 9.33 -20.34 -2.19
CA PRO D 89 9.18 -21.25 -3.33
C PRO D 89 8.59 -20.61 -4.56
N TRP D 90 7.87 -19.49 -4.43
CA TRP D 90 7.29 -18.78 -5.55
C TRP D 90 8.01 -17.46 -5.83
N ARG D 91 9.31 -17.41 -5.55
CA ARG D 91 10.07 -16.19 -5.73
C ARG D 91 10.11 -15.80 -7.21
N SER D 92 10.23 -14.49 -7.44
CA SER D 92 10.33 -13.91 -8.79
C SER D 92 9.08 -14.20 -9.63
N LEU D 93 7.90 -14.22 -9.00
CA LEU D 93 6.65 -14.50 -9.69
C LEU D 93 5.62 -13.42 -9.35
N TRP D 94 4.82 -13.03 -10.35
CA TRP D 94 3.79 -12.02 -10.18
C TRP D 94 2.45 -12.69 -9.90
N ILE D 95 1.79 -12.26 -8.82
CA ILE D 95 0.69 -13.02 -8.23
C ILE D 95 -0.45 -12.10 -7.83
N ARG D 96 -1.67 -12.56 -8.11
CA ARG D 96 -2.87 -11.75 -7.96
C ARG D 96 -3.06 -11.32 -6.51
N PHE D 97 -3.49 -10.08 -6.34
CA PHE D 97 -3.74 -9.54 -5.00
C PHE D 97 -4.85 -10.32 -4.32
N GLY D 98 -4.63 -10.65 -3.04
CA GLY D 98 -5.57 -11.41 -2.26
C GLY D 98 -5.29 -12.89 -2.18
N TYR D 99 -4.43 -13.42 -3.05
CA TYR D 99 -4.10 -14.83 -3.07
C TYR D 99 -2.84 -15.08 -2.25
N ASP D 100 -2.93 -16.01 -1.30
CA ASP D 100 -1.79 -16.40 -0.48
C ASP D 100 -1.40 -17.83 -0.82
N PRO D 101 -0.30 -18.06 -1.54
CA PRO D 101 0.09 -19.43 -1.88
C PRO D 101 0.49 -20.27 -0.69
N ARG D 102 0.85 -19.65 0.44
CA ARG D 102 1.20 -20.38 1.65
C ARG D 102 -0.03 -20.91 2.39
N LYS D 103 -1.21 -20.84 1.77
CA LYS D 103 -2.43 -21.37 2.37
C LYS D 103 -3.25 -22.19 1.39
N ASN D 104 -2.83 -22.28 0.13
CA ASN D 104 -3.53 -23.09 -0.88
C ASN D 104 -2.57 -24.14 -1.41
N PRO D 105 -2.76 -25.42 -1.08
CA PRO D 105 -1.86 -26.46 -1.59
C PRO D 105 -1.83 -26.56 -3.11
N ASP D 106 -2.90 -26.13 -3.79
CA ASP D 106 -2.90 -26.12 -5.25
C ASP D 106 -1.76 -25.27 -5.80
N ALA D 107 -1.41 -24.19 -5.10
CA ALA D 107 -0.29 -23.35 -5.49
C ALA D 107 1.02 -24.12 -5.61
N LYS D 108 1.06 -25.36 -5.13
CA LYS D 108 2.22 -26.22 -5.34
C LYS D 108 2.55 -26.33 -6.82
N ILE D 109 1.53 -26.33 -7.67
CA ILE D 109 1.71 -26.57 -9.10
C ILE D 109 2.24 -25.29 -9.76
N TYR D 110 2.36 -24.22 -8.98
CA TYR D 110 2.86 -22.95 -9.48
C TYR D 110 4.23 -22.59 -8.93
N GLN D 111 4.88 -23.50 -8.21
CA GLN D 111 6.16 -23.19 -7.60
C GLN D 111 7.24 -23.01 -8.66
N VAL D 112 8.21 -22.16 -8.35
CA VAL D 112 9.30 -21.88 -9.28
C VAL D 112 10.37 -22.95 -9.17
N LEU D 113 11.17 -23.09 -10.22
CA LEU D 113 12.24 -24.08 -10.26
C LEU D 113 13.38 -23.54 -11.10
N ASP D 114 14.58 -23.48 -10.51
CA ASP D 114 15.77 -23.12 -11.26
C ASP D 114 16.23 -24.31 -12.08
N PHE D 115 16.72 -24.02 -13.29
CA PHE D 115 17.35 -25.02 -14.14
C PHE D 115 18.50 -24.37 -14.88
N ARG D 116 19.72 -24.80 -14.60
CA ARG D 116 20.91 -24.27 -15.24
C ARG D 116 21.52 -25.37 -16.10
N ILE D 117 21.64 -25.11 -17.40
CA ILE D 117 22.17 -26.10 -18.32
C ILE D 117 23.66 -26.30 -18.06
N ARG D 118 24.10 -27.55 -18.11
CA ARG D 118 25.50 -27.88 -17.87
C ARG D 118 26.14 -28.53 -19.10
N SER D 155 0.84 -7.03 -36.43
CA SER D 155 0.00 -7.26 -35.27
C SER D 155 0.61 -8.35 -34.37
N SER D 156 0.30 -8.29 -33.08
CA SER D 156 0.83 -9.22 -32.09
C SER D 156 2.35 -9.23 -32.11
N LYS D 157 2.93 -8.03 -32.04
CA LYS D 157 4.37 -7.85 -32.15
C LYS D 157 5.12 -8.02 -30.84
N TYR D 158 4.43 -8.42 -29.77
CA TYR D 158 5.07 -8.58 -28.47
C TYR D 158 4.90 -9.96 -27.85
N LYS D 159 4.10 -10.83 -28.45
CA LYS D 159 3.95 -12.18 -27.92
C LYS D 159 5.23 -12.98 -28.12
N LEU D 160 5.41 -13.99 -27.27
CA LEU D 160 6.62 -14.82 -27.28
C LEU D 160 6.25 -16.26 -27.59
N LYS D 161 7.29 -17.06 -27.80
CA LYS D 161 7.12 -18.48 -28.12
C LYS D 161 6.70 -19.24 -26.85
N ASP D 162 6.64 -20.57 -26.95
CA ASP D 162 6.27 -21.41 -25.82
C ASP D 162 7.48 -21.96 -25.07
N SER D 163 8.64 -22.07 -25.72
CA SER D 163 9.82 -22.62 -25.09
C SER D 163 10.41 -21.73 -24.02
N VAL D 164 10.00 -20.46 -23.95
CA VAL D 164 10.53 -19.56 -22.92
C VAL D 164 9.93 -19.81 -21.56
N TYR D 165 8.89 -20.65 -21.47
CA TYR D 165 8.31 -20.97 -20.17
C TYR D 165 7.72 -22.37 -20.09
N ILE D 166 7.70 -23.14 -21.18
CA ILE D 166 7.16 -24.49 -21.20
C ILE D 166 8.27 -25.43 -21.66
N PHE D 167 8.52 -26.48 -20.87
CA PHE D 167 9.51 -27.49 -21.20
C PHE D 167 8.80 -28.76 -21.68
N ARG D 168 9.35 -29.39 -22.71
CA ARG D 168 8.75 -30.57 -23.30
C ARG D 168 9.84 -31.48 -23.84
N GLU D 169 9.49 -32.75 -24.00
CA GLU D 169 10.39 -33.70 -24.63
C GLU D 169 10.68 -33.29 -26.06
N GLY D 170 11.89 -33.59 -26.53
CA GLY D 170 12.30 -33.18 -27.86
C GLY D 170 12.39 -31.68 -28.00
N ALA D 171 12.91 -30.99 -26.99
CA ALA D 171 13.01 -29.54 -27.03
C ALA D 171 14.19 -29.11 -26.16
N LEU D 172 14.69 -27.89 -26.43
CA LEU D 172 15.84 -27.35 -25.74
C LEU D 172 15.51 -25.97 -25.19
N PRO D 173 15.99 -25.63 -24.01
CA PRO D 173 15.70 -24.32 -23.42
C PRO D 173 16.45 -23.23 -24.14
N PRO D 174 15.76 -22.16 -24.55
CA PRO D 174 16.46 -21.06 -25.25
C PRO D 174 17.53 -20.37 -24.42
N TYR D 175 17.41 -20.38 -23.09
CA TYR D 175 18.35 -19.69 -22.23
C TYR D 175 19.17 -20.70 -21.41
N ARG D 176 20.36 -20.25 -20.99
CA ARG D 176 21.21 -21.10 -20.16
C ARG D 176 20.64 -21.27 -18.75
N GLN D 177 20.00 -20.23 -18.22
CA GLN D 177 19.30 -20.29 -16.94
C GLN D 177 17.81 -20.20 -17.20
N MET D 178 17.02 -20.97 -16.43
CA MET D 178 15.59 -21.03 -16.63
C MET D 178 14.88 -21.02 -15.28
N PHE D 179 13.80 -20.25 -15.20
CA PHE D 179 12.93 -20.20 -14.03
C PHE D 179 11.58 -20.82 -14.45
N TYR D 180 11.54 -22.14 -14.43
CA TYR D 180 10.33 -22.84 -14.87
C TYR D 180 9.27 -22.85 -13.78
N GLN D 181 8.03 -23.03 -14.19
CA GLN D 181 6.93 -23.24 -13.26
C GLN D 181 6.45 -24.69 -13.38
N LEU D 182 6.00 -25.24 -12.25
CA LEU D 182 5.78 -26.69 -12.17
C LEU D 182 4.67 -27.15 -13.10
N CYS D 183 3.66 -26.32 -13.33
CA CYS D 183 2.56 -26.73 -14.20
C CYS D 183 2.95 -26.73 -15.67
N ASP D 184 4.01 -26.01 -16.04
CA ASP D 184 4.41 -25.87 -17.44
C ASP D 184 5.46 -26.89 -17.86
N LEU D 185 5.71 -27.91 -17.05
CA LEU D 185 6.63 -28.99 -17.42
C LEU D 185 5.80 -30.09 -18.07
N ASN D 186 5.61 -29.99 -19.39
CA ASN D 186 4.73 -30.89 -20.12
C ASN D 186 5.42 -32.23 -20.39
N VAL D 187 5.70 -32.94 -19.30
CA VAL D 187 6.23 -34.31 -19.37
C VAL D 187 5.59 -35.11 -18.23
N GLU D 188 5.17 -36.33 -18.55
CA GLU D 188 4.43 -37.15 -17.60
C GLU D 188 5.28 -37.53 -16.38
N GLU D 189 6.57 -37.81 -16.60
CA GLU D 189 7.43 -38.23 -15.50
C GLU D 189 7.61 -37.13 -14.47
N LEU D 190 7.93 -35.91 -14.92
CA LEU D 190 8.06 -34.79 -14.00
C LEU D 190 6.74 -34.50 -13.29
N GLN D 191 5.62 -34.64 -14.01
CA GLN D 191 4.32 -34.38 -13.39
C GLN D 191 4.03 -35.41 -12.31
N LYS D 192 4.39 -36.68 -12.52
CA LYS D 192 4.21 -37.68 -11.48
C LYS D 192 5.13 -37.39 -10.28
N ILE D 193 6.37 -36.97 -10.56
CA ILE D 193 7.28 -36.58 -9.49
C ILE D 193 6.67 -35.47 -8.65
N ILE D 194 6.04 -34.49 -9.29
CA ILE D 194 5.47 -33.35 -8.56
C ILE D 194 4.20 -33.78 -7.82
N HIS D 195 3.40 -34.66 -8.41
CA HIS D 195 2.07 -34.96 -7.90
C HIS D 195 2.04 -36.18 -6.97
N ARG D 196 3.17 -36.83 -6.72
CA ARG D 196 3.19 -37.92 -5.76
C ARG D 196 2.87 -37.44 -4.33
N ASN D 197 2.68 -36.13 -4.15
CA ASN D 197 2.30 -35.56 -2.86
C ASN D 197 0.81 -35.21 -2.78
N ASP D 198 0.09 -35.27 -3.89
CA ASP D 198 -1.26 -34.71 -3.94
C ASP D 198 -2.16 -35.36 -2.90
N GLY D 199 -2.76 -34.53 -2.05
CA GLY D 199 -3.68 -34.98 -1.04
C GLY D 199 -3.08 -35.12 0.35
N ALA D 200 -1.75 -35.16 0.47
CA ALA D 200 -1.07 -35.36 1.74
C ALA D 200 0.05 -34.35 1.90
N GLU D 201 -0.27 -33.07 1.67
CA GLU D 201 0.73 -32.02 1.80
C GLU D 201 1.02 -31.75 3.28
N ASN D 202 2.30 -31.87 3.65
CA ASN D 202 2.68 -31.73 5.06
C ASN D 202 2.67 -30.26 5.50
N SER D 203 3.66 -29.49 5.04
CA SER D 203 3.76 -28.09 5.43
C SER D 203 4.57 -27.34 4.39
N CYS D 204 4.35 -26.03 4.33
CA CYS D 204 5.06 -25.18 3.39
C CYS D 204 6.44 -24.86 3.92
N THR D 205 7.46 -25.12 3.11
CA THR D 205 8.85 -24.85 3.46
C THR D 205 9.43 -23.83 2.47
N GLU D 206 10.31 -22.97 2.97
CA GLU D 206 10.96 -22.00 2.11
C GLU D 206 11.89 -22.63 1.08
N ARG D 207 12.20 -23.91 1.23
CA ARG D 207 13.04 -24.62 0.28
C ARG D 207 12.26 -25.44 -0.74
N ASP D 208 11.22 -26.15 -0.29
CA ASP D 208 10.46 -27.04 -1.16
C ASP D 208 8.98 -26.72 -1.27
N GLY D 209 8.46 -25.79 -0.45
CA GLY D 209 7.06 -25.45 -0.54
C GLY D 209 6.16 -26.58 -0.09
N TRP D 210 5.09 -26.81 -0.86
CA TRP D 210 4.17 -27.90 -0.58
C TRP D 210 4.71 -29.27 -1.01
N CYS D 211 5.82 -29.30 -1.74
CA CYS D 211 6.38 -30.56 -2.22
C CYS D 211 7.23 -31.22 -1.15
N LEU D 212 7.38 -32.54 -1.27
CA LEU D 212 8.28 -33.27 -0.38
C LEU D 212 9.73 -32.82 -0.65
N PRO D 213 10.62 -33.00 0.32
CA PRO D 213 11.98 -32.48 0.15
C PRO D 213 12.72 -33.17 -0.99
N LYS D 214 13.69 -32.44 -1.53
CA LYS D 214 14.55 -32.94 -2.62
C LYS D 214 13.75 -33.27 -3.88
N THR D 215 12.65 -32.55 -4.12
CA THR D 215 11.88 -32.76 -5.33
C THR D 215 12.47 -31.97 -6.50
N SER D 216 12.90 -30.74 -6.25
CA SER D 216 13.49 -29.93 -7.31
C SER D 216 14.78 -30.55 -7.84
N ASP D 217 15.56 -31.19 -6.97
CA ASP D 217 16.81 -31.80 -7.42
C ASP D 217 16.55 -33.00 -8.33
N GLU D 218 15.60 -33.86 -7.94
CA GLU D 218 15.23 -34.98 -8.81
C GLU D 218 14.65 -34.49 -10.12
N LEU D 219 13.84 -33.42 -10.07
CA LEU D 219 13.33 -32.83 -11.29
C LEU D 219 14.45 -32.36 -12.20
N ARG D 220 15.42 -31.63 -11.63
CA ARG D 220 16.55 -31.13 -12.42
C ARG D 220 17.35 -32.27 -13.04
N ASP D 221 17.59 -33.33 -12.27
CA ASP D 221 18.33 -34.47 -12.80
C ASP D 221 17.57 -35.13 -13.95
N THR D 222 16.25 -35.31 -13.79
CA THR D 222 15.46 -35.89 -14.86
C THR D 222 15.48 -35.02 -16.12
N MET D 223 15.37 -33.70 -15.94
CA MET D 223 15.41 -32.81 -17.10
C MET D 223 16.77 -32.86 -17.79
N SER D 224 17.86 -32.97 -17.01
CA SER D 224 19.17 -33.12 -17.63
C SER D 224 19.25 -34.43 -18.40
N LEU D 225 18.63 -35.49 -17.88
CA LEU D 225 18.56 -36.76 -18.61
C LEU D 225 17.86 -36.56 -19.95
N MET D 226 16.69 -35.91 -19.94
CA MET D 226 15.95 -35.70 -21.19
C MET D 226 16.74 -34.83 -22.15
N ILE D 227 17.48 -33.84 -21.64
CA ILE D 227 18.30 -32.98 -22.48
C ILE D 227 19.39 -33.80 -23.17
N ARG D 228 20.09 -34.63 -22.40
CA ARG D 228 21.13 -35.48 -22.97
C ARG D 228 20.55 -36.43 -24.01
N GLN D 229 19.38 -37.00 -23.73
CA GLN D 229 18.75 -37.91 -24.68
C GLN D 229 18.39 -37.20 -25.98
N THR D 230 17.84 -35.99 -25.88
CA THR D 230 17.49 -35.23 -27.08
C THR D 230 18.73 -34.87 -27.88
N ILE D 231 19.79 -34.44 -27.20
CA ILE D 231 21.01 -34.05 -27.90
C ILE D 231 21.65 -35.27 -28.58
N ARG D 232 21.58 -36.43 -27.93
CA ARG D 232 22.09 -37.65 -28.55
C ARG D 232 21.26 -38.04 -29.76
N SER D 233 19.93 -37.91 -29.65
CA SER D 233 19.06 -38.21 -30.80
C SER D 233 19.25 -37.21 -31.93
N LYS D 234 19.77 -36.01 -31.63
CA LYS D 234 20.04 -35.03 -32.66
C LYS D 234 21.39 -35.22 -33.34
N ARG D 235 22.10 -36.31 -33.05
CA ARG D 235 23.40 -36.57 -33.65
C ARG D 235 23.34 -37.76 -34.60
N HIS E 8 41.94 -75.25 -51.96
CA HIS E 8 41.56 -74.24 -50.97
C HIS E 8 41.93 -74.70 -49.57
N ASN E 9 42.11 -73.73 -48.66
CA ASN E 9 42.42 -73.96 -47.25
C ASN E 9 43.81 -74.56 -47.05
N ALA E 10 44.42 -75.05 -48.12
CA ALA E 10 45.75 -75.64 -48.07
C ALA E 10 46.74 -74.73 -48.78
N ILE E 11 47.94 -74.59 -48.22
CA ILE E 11 48.99 -73.78 -48.79
C ILE E 11 49.93 -74.69 -49.56
N PHE E 12 50.07 -74.43 -50.87
CA PHE E 12 50.93 -75.21 -51.74
C PHE E 12 52.26 -74.49 -51.88
N VAL E 13 53.36 -75.23 -51.70
CA VAL E 13 54.70 -74.66 -51.64
C VAL E 13 55.57 -75.35 -52.68
N ASN E 14 56.35 -74.55 -53.41
CA ASN E 14 57.32 -75.05 -54.36
C ASN E 14 58.71 -75.11 -53.73
N PHE E 15 59.56 -75.96 -54.30
CA PHE E 15 60.96 -76.01 -53.89
C PHE E 15 61.64 -74.65 -54.09
N GLU E 16 61.19 -73.89 -55.07
CA GLU E 16 61.77 -72.61 -55.43
C GLU E 16 61.20 -71.44 -54.62
N ASP E 17 60.19 -71.69 -53.79
CA ASP E 17 59.65 -70.63 -52.94
C ASP E 17 60.70 -70.17 -51.95
N GLU E 18 60.73 -68.85 -51.71
CA GLU E 18 61.76 -68.30 -50.84
C GLU E 18 61.56 -68.71 -49.38
N GLU E 19 60.31 -68.74 -48.92
CA GLU E 19 60.02 -69.06 -47.53
C GLU E 19 58.92 -70.12 -47.45
N VAL E 20 58.81 -70.73 -46.28
CA VAL E 20 57.76 -71.71 -46.00
C VAL E 20 56.77 -71.09 -45.03
N PRO E 21 55.50 -71.47 -45.09
CA PRO E 21 54.52 -70.88 -44.17
C PRO E 21 54.75 -71.35 -42.74
N LYS E 22 54.40 -70.47 -41.79
CA LYS E 22 54.55 -70.76 -40.38
C LYS E 22 53.22 -70.88 -39.65
N GLN E 23 52.10 -70.56 -40.29
CA GLN E 23 50.78 -70.63 -39.69
C GLN E 23 49.78 -71.02 -40.75
N PRO E 24 48.73 -71.77 -40.40
CA PRO E 24 47.71 -72.12 -41.38
C PRO E 24 46.78 -70.96 -41.68
N LEU E 25 46.15 -71.05 -42.85
CA LEU E 25 45.19 -70.02 -43.25
C LEU E 25 44.04 -69.95 -42.25
N GLU E 26 43.53 -68.74 -42.03
CA GLU E 26 42.44 -68.56 -41.09
C GLU E 26 41.18 -69.28 -41.55
N ALA E 27 40.99 -69.43 -42.86
CA ALA E 27 39.84 -70.16 -43.37
C ALA E 27 39.86 -71.61 -42.92
N ALA E 28 41.04 -72.25 -42.95
CA ALA E 28 41.14 -73.62 -42.49
C ALA E 28 40.87 -73.74 -41.00
N ALA E 29 41.36 -72.77 -40.21
CA ALA E 29 41.09 -72.78 -38.78
C ALA E 29 39.60 -72.65 -38.50
N GLN E 30 38.91 -71.75 -39.20
CA GLN E 30 37.48 -71.59 -39.00
C GLN E 30 36.71 -72.83 -39.46
N THR E 31 37.15 -73.45 -40.55
CA THR E 31 36.50 -74.67 -41.03
C THR E 31 36.65 -75.79 -40.01
N TRP E 32 37.83 -75.95 -39.42
CA TRP E 32 38.02 -76.96 -38.39
C TRP E 32 37.20 -76.63 -37.15
N ARG E 33 37.10 -75.34 -36.80
CA ARG E 33 36.27 -74.94 -35.68
C ARG E 33 34.80 -75.31 -35.91
N ARG E 34 34.34 -75.17 -37.16
CA ARG E 34 32.97 -75.56 -37.48
C ARG E 34 32.79 -77.07 -37.45
N VAL E 35 33.77 -77.82 -37.96
CA VAL E 35 33.58 -79.25 -38.16
C VAL E 35 33.87 -80.05 -36.88
N CYS E 36 34.72 -79.53 -36.00
CA CYS E 36 35.06 -80.22 -34.76
C CYS E 36 33.90 -80.10 -33.78
N THR E 37 32.94 -81.02 -33.89
CA THR E 37 31.76 -81.01 -33.03
C THR E 37 31.83 -82.02 -31.89
N ASN E 38 32.49 -83.16 -32.08
CA ASN E 38 32.53 -84.19 -31.06
C ASN E 38 33.90 -84.22 -30.38
N PRO E 39 33.97 -84.67 -29.12
CA PRO E 39 35.27 -84.75 -28.44
C PRO E 39 36.27 -85.66 -29.15
N VAL E 40 35.80 -86.66 -29.88
CA VAL E 40 36.71 -87.56 -30.60
C VAL E 40 37.50 -86.79 -31.64
N ASP E 41 36.89 -85.77 -32.26
CA ASP E 41 37.63 -84.92 -33.19
C ASP E 41 38.77 -84.20 -32.49
N ARG E 42 38.52 -83.70 -31.27
N ARG E 42 38.52 -83.70 -31.28
CA ARG E 42 39.60 -83.07 -30.50
CA ARG E 42 39.56 -83.08 -30.48
C ARG E 42 40.69 -84.08 -30.16
C ARG E 42 40.67 -84.07 -30.15
N LYS E 43 40.29 -85.30 -29.78
CA LYS E 43 41.28 -86.34 -29.49
C LYS E 43 42.17 -86.60 -30.69
N VAL E 44 41.56 -86.86 -31.86
CA VAL E 44 42.35 -87.19 -33.05
C VAL E 44 43.16 -85.99 -33.52
N GLU E 45 42.68 -84.77 -33.29
CA GLU E 45 43.50 -83.59 -33.58
C GLU E 45 44.75 -83.57 -32.70
N GLU E 46 44.58 -83.89 -31.41
CA GLU E 46 45.75 -83.98 -30.53
C GLU E 46 46.71 -85.07 -30.99
N GLU E 47 46.18 -86.22 -31.41
CA GLU E 47 47.05 -87.30 -31.88
C GLU E 47 47.82 -86.89 -33.12
N LEU E 48 47.16 -86.23 -34.08
CA LEU E 48 47.85 -85.80 -35.29
C LEU E 48 48.90 -84.75 -34.98
N ARG E 49 48.61 -83.84 -34.04
CA ARG E 49 49.61 -82.86 -33.63
C ARG E 49 50.83 -83.54 -33.01
N LYS E 50 50.60 -84.54 -32.16
CA LYS E 50 51.72 -85.28 -31.59
C LYS E 50 52.52 -86.00 -32.66
N LEU E 51 51.82 -86.63 -33.62
CA LEU E 51 52.52 -87.35 -34.69
C LEU E 51 53.37 -86.41 -35.52
N PHE E 52 52.86 -85.21 -35.82
CA PHE E 52 53.64 -84.25 -36.59
C PHE E 52 54.73 -83.59 -35.76
N ASP E 53 54.59 -83.56 -34.43
CA ASP E 53 55.69 -83.10 -33.59
C ASP E 53 56.82 -84.13 -33.54
N ILE E 54 56.48 -85.41 -33.60
CA ILE E 54 57.51 -86.46 -33.64
C ILE E 54 58.17 -86.47 -35.01
N ARG E 55 57.39 -86.73 -36.07
CA ARG E 55 57.89 -86.76 -37.43
C ARG E 55 57.37 -85.54 -38.18
N PRO E 56 58.24 -84.66 -38.68
CA PRO E 56 57.76 -83.40 -39.27
C PRO E 56 57.18 -83.53 -40.66
N ILE E 57 57.51 -84.58 -41.41
CA ILE E 57 57.07 -84.73 -42.79
C ILE E 57 56.36 -86.08 -42.92
N TRP E 58 55.07 -86.04 -43.22
CA TRP E 58 54.25 -87.24 -43.33
C TRP E 58 53.63 -87.33 -44.73
N SER E 59 53.18 -88.53 -45.06
CA SER E 59 52.38 -88.78 -46.24
C SER E 59 50.96 -89.17 -45.82
N ARG E 60 50.04 -89.08 -46.77
CA ARG E 60 48.63 -89.34 -46.46
C ARG E 60 48.43 -90.78 -46.02
N ASN E 61 48.99 -91.74 -46.77
CA ASN E 61 48.83 -93.14 -46.42
C ASN E 61 49.61 -93.49 -45.16
N ALA E 62 50.75 -92.84 -44.93
CA ALA E 62 51.49 -93.08 -43.70
C ALA E 62 50.70 -92.61 -42.47
N VAL E 63 50.00 -91.47 -42.61
CA VAL E 63 49.17 -90.98 -41.51
C VAL E 63 47.96 -91.86 -41.31
N LYS E 64 47.31 -92.27 -42.41
CA LYS E 64 46.13 -93.12 -42.30
C LYS E 64 46.46 -94.51 -41.76
N ALA E 65 47.72 -94.91 -41.77
CA ALA E 65 48.13 -96.19 -41.22
C ALA E 65 48.68 -96.07 -39.80
N ASN E 66 48.36 -94.98 -39.11
CA ASN E 66 48.83 -94.78 -37.75
C ASN E 66 47.69 -94.30 -36.84
N ILE E 67 46.72 -93.60 -37.41
CA ILE E 67 45.56 -93.14 -36.67
C ILE E 67 44.31 -93.42 -37.51
N SER E 68 43.21 -93.72 -36.82
CA SER E 68 41.92 -93.96 -37.46
C SER E 68 41.12 -92.66 -37.41
N VAL E 69 40.88 -92.07 -38.57
CA VAL E 69 40.19 -90.79 -38.67
C VAL E 69 39.28 -90.83 -39.91
N HIS E 70 38.10 -90.24 -39.78
CA HIS E 70 37.19 -90.16 -40.92
C HIS E 70 37.83 -89.34 -42.03
N PRO E 71 37.66 -89.74 -43.30
CA PRO E 71 38.32 -89.01 -44.39
C PRO E 71 37.90 -87.55 -44.48
N ASP E 72 36.61 -87.26 -44.30
CA ASP E 72 36.16 -85.87 -44.37
C ASP E 72 36.75 -85.02 -43.26
N LYS E 73 36.94 -85.61 -42.07
CA LYS E 73 37.58 -84.87 -40.99
C LYS E 73 39.06 -84.67 -41.25
N LEU E 74 39.73 -85.68 -41.83
CA LEU E 74 41.15 -85.58 -42.12
C LEU E 74 41.40 -84.53 -43.20
N LYS E 75 40.50 -84.43 -44.18
CA LYS E 75 40.66 -83.45 -45.25
C LYS E 75 40.63 -82.02 -44.74
N VAL E 76 40.09 -81.79 -43.54
CA VAL E 76 40.05 -80.47 -42.94
C VAL E 76 41.19 -80.34 -41.93
N LEU E 77 41.53 -81.46 -41.28
CA LEU E 77 42.56 -81.43 -40.25
C LEU E 77 43.95 -81.22 -40.84
N LEU E 78 44.23 -81.86 -41.98
CA LEU E 78 45.57 -81.78 -42.57
C LEU E 78 45.96 -80.36 -42.94
N PRO E 79 45.14 -79.56 -43.65
CA PRO E 79 45.56 -78.18 -43.95
C PRO E 79 45.71 -77.29 -42.73
N PHE E 80 45.10 -77.66 -41.61
CA PHE E 80 45.23 -76.87 -40.39
C PHE E 80 46.53 -77.16 -39.65
N ILE E 81 47.13 -78.33 -39.85
CA ILE E 81 48.33 -78.72 -39.12
C ILE E 81 49.59 -78.58 -39.98
N ALA E 82 49.49 -78.87 -41.28
CA ALA E 82 50.67 -78.92 -42.13
C ALA E 82 50.38 -78.22 -43.45
N TYR E 83 51.44 -77.98 -44.22
CA TYR E 83 51.33 -77.46 -45.57
C TYR E 83 51.75 -78.53 -46.58
N TYR E 84 51.41 -78.30 -47.84
CA TYR E 84 51.56 -79.28 -48.90
C TYR E 84 52.67 -78.86 -49.85
N MET E 85 53.64 -79.74 -50.05
CA MET E 85 54.70 -79.51 -51.03
C MET E 85 54.24 -79.96 -52.41
N ILE E 86 54.42 -79.08 -53.40
CA ILE E 86 53.95 -79.35 -54.75
C ILE E 86 55.09 -79.70 -55.71
N THR E 87 56.33 -79.27 -55.42
CA THR E 87 57.48 -79.64 -56.24
C THR E 87 58.66 -79.91 -55.32
N GLY E 88 59.69 -80.54 -55.87
CA GLY E 88 60.90 -80.82 -55.13
C GLY E 88 60.99 -82.25 -54.66
N PRO E 89 62.01 -82.55 -53.85
CA PRO E 89 62.22 -83.93 -53.38
C PRO E 89 61.23 -84.38 -52.32
N TRP E 90 60.40 -83.47 -51.79
CA TRP E 90 59.41 -83.81 -50.77
C TRP E 90 57.99 -83.60 -51.28
N ARG E 91 57.78 -83.74 -52.58
CA ARG E 91 56.48 -83.48 -53.17
C ARG E 91 55.44 -84.48 -52.68
N SER E 92 54.17 -84.07 -52.73
CA SER E 92 53.01 -84.86 -52.30
C SER E 92 53.09 -85.24 -50.82
N LEU E 93 53.89 -84.52 -50.04
CA LEU E 93 54.04 -84.78 -48.61
C LEU E 93 53.55 -83.58 -47.82
N TRP E 94 53.11 -83.84 -46.59
CA TRP E 94 52.63 -82.80 -45.68
C TRP E 94 53.72 -82.49 -44.67
N ILE E 95 54.06 -81.21 -44.54
CA ILE E 95 55.19 -80.75 -43.73
C ILE E 95 54.66 -79.83 -42.64
N ARG E 96 55.12 -80.05 -41.41
CA ARG E 96 54.72 -79.23 -40.27
C ARG E 96 55.02 -77.76 -40.54
N PHE E 97 54.11 -76.89 -40.08
CA PHE E 97 54.30 -75.45 -40.26
C PHE E 97 55.53 -74.98 -39.51
N GLY E 98 56.34 -74.15 -40.17
CA GLY E 98 57.57 -73.65 -39.59
C GLY E 98 58.77 -74.54 -39.79
N TYR E 99 58.64 -75.65 -40.52
CA TYR E 99 59.73 -76.58 -40.78
C TYR E 99 60.11 -76.49 -42.25
N ASP E 100 61.35 -76.10 -42.51
CA ASP E 100 61.87 -76.01 -43.88
C ASP E 100 62.83 -77.17 -44.13
N PRO E 101 62.44 -78.17 -44.92
CA PRO E 101 63.36 -79.28 -45.19
C PRO E 101 64.60 -78.87 -45.97
N ARG E 102 64.56 -77.75 -46.68
CA ARG E 102 65.70 -77.25 -47.43
C ARG E 102 66.76 -76.63 -46.53
N LYS E 103 66.55 -76.62 -45.22
CA LYS E 103 67.53 -76.10 -44.27
C LYS E 103 67.84 -77.12 -43.17
N ASN E 104 67.31 -78.32 -43.27
CA ASN E 104 67.55 -79.37 -42.27
C ASN E 104 68.02 -80.62 -42.99
N PRO E 105 69.30 -80.98 -42.87
CA PRO E 105 69.78 -82.19 -43.57
C PRO E 105 69.12 -83.47 -43.08
N ASP E 106 68.63 -83.50 -41.84
CA ASP E 106 67.92 -84.67 -41.33
C ASP E 106 66.74 -85.01 -42.23
N ALA E 107 66.08 -84.00 -42.79
CA ALA E 107 64.90 -84.18 -43.65
C ALA E 107 65.24 -85.04 -44.86
N LYS E 108 66.53 -85.33 -45.06
CA LYS E 108 66.93 -86.26 -46.10
C LYS E 108 66.20 -87.60 -45.96
N ILE E 109 66.01 -88.06 -44.72
CA ILE E 109 65.36 -89.35 -44.52
C ILE E 109 63.87 -89.29 -44.76
N TYR E 110 63.31 -88.11 -45.02
CA TYR E 110 61.88 -87.94 -45.29
C TYR E 110 61.58 -87.70 -46.77
N GLN E 111 62.57 -87.89 -47.65
CA GLN E 111 62.35 -87.64 -49.07
C GLN E 111 61.47 -88.72 -49.68
N VAL E 112 60.88 -88.39 -50.82
CA VAL E 112 59.89 -89.25 -51.47
C VAL E 112 60.55 -90.03 -52.60
N LEU E 113 59.99 -91.20 -52.90
CA LEU E 113 60.44 -92.04 -54.01
C LEU E 113 59.23 -92.71 -54.63
N ASP E 114 59.10 -92.57 -55.94
CA ASP E 114 58.02 -93.22 -56.68
C ASP E 114 58.47 -94.60 -57.15
N PHE E 115 57.54 -95.55 -57.15
CA PHE E 115 57.84 -96.92 -57.52
C PHE E 115 56.66 -97.49 -58.31
N ARG E 116 56.88 -97.75 -59.60
CA ARG E 116 55.90 -98.37 -60.45
C ARG E 116 56.17 -99.86 -60.58
N ILE E 117 55.23 -100.58 -61.20
CA ILE E 117 55.36 -102.01 -61.38
C ILE E 117 55.62 -102.33 -62.84
N LYS E 157 36.72 -99.18 -38.37
CA LYS E 157 37.71 -98.12 -38.22
C LYS E 157 38.23 -97.66 -39.58
N TYR E 158 39.24 -96.80 -39.56
CA TYR E 158 39.80 -96.25 -40.79
C TYR E 158 41.29 -96.48 -40.95
N LYS E 159 41.95 -97.11 -39.97
CA LYS E 159 43.38 -97.34 -40.07
C LYS E 159 43.70 -98.38 -41.13
N LEU E 160 44.96 -98.40 -41.55
CA LEU E 160 45.43 -99.30 -42.59
C LEU E 160 46.66 -100.05 -42.10
N LYS E 161 47.12 -100.99 -42.92
CA LYS E 161 48.29 -101.78 -42.59
C LYS E 161 49.57 -101.04 -42.99
N ASP E 162 50.72 -101.63 -42.65
CA ASP E 162 51.99 -100.96 -42.87
C ASP E 162 52.43 -100.98 -44.34
N SER E 163 52.01 -102.00 -45.10
CA SER E 163 52.47 -102.16 -46.47
C SER E 163 52.04 -101.03 -47.39
N VAL E 164 51.14 -100.13 -46.94
CA VAL E 164 50.76 -98.98 -47.75
C VAL E 164 51.79 -97.87 -47.72
N TYR E 165 52.84 -98.00 -46.93
CA TYR E 165 53.87 -96.97 -46.85
C TYR E 165 55.21 -97.52 -46.39
N ILE E 166 55.25 -98.79 -45.99
CA ILE E 166 56.47 -99.44 -45.50
C ILE E 166 56.88 -100.49 -46.52
N PHE E 167 58.16 -100.48 -46.90
CA PHE E 167 58.73 -101.46 -47.80
C PHE E 167 59.69 -102.36 -47.03
N ARG E 168 59.46 -103.67 -47.11
CA ARG E 168 60.27 -104.64 -46.39
C ARG E 168 60.38 -105.91 -47.23
N GLU E 169 61.46 -106.65 -47.03
CA GLU E 169 61.62 -107.92 -47.73
C GLU E 169 60.61 -108.94 -47.21
N GLY E 170 60.11 -109.78 -48.11
CA GLY E 170 59.11 -110.77 -47.77
C GLY E 170 57.69 -110.35 -48.08
N ALA E 171 57.49 -109.15 -48.63
CA ALA E 171 56.17 -108.65 -48.96
C ALA E 171 56.19 -108.10 -50.38
N LEU E 172 55.05 -107.55 -50.80
CA LEU E 172 54.90 -106.98 -52.13
C LEU E 172 54.07 -105.71 -52.03
N PRO E 173 54.39 -104.68 -52.81
CA PRO E 173 53.59 -103.45 -52.80
C PRO E 173 52.18 -103.72 -53.28
N PRO E 174 51.16 -103.21 -52.59
CA PRO E 174 49.78 -103.51 -52.99
C PRO E 174 49.36 -102.81 -54.26
N TYR E 175 49.70 -101.54 -54.43
CA TYR E 175 49.29 -100.77 -55.60
C TYR E 175 50.34 -100.89 -56.71
N ARG E 176 49.89 -100.62 -57.93
CA ARG E 176 50.80 -100.64 -59.08
C ARG E 176 51.85 -99.53 -58.96
N GLN E 177 51.45 -98.36 -58.51
CA GLN E 177 52.36 -97.26 -58.23
C GLN E 177 52.30 -96.94 -56.74
N MET E 178 53.44 -96.56 -56.17
CA MET E 178 53.55 -96.28 -54.75
C MET E 178 54.48 -95.11 -54.52
N PHE E 179 54.25 -94.40 -53.42
CA PHE E 179 55.07 -93.26 -53.01
C PHE E 179 55.62 -93.59 -51.61
N TYR E 180 56.88 -94.02 -51.56
CA TYR E 180 57.52 -94.38 -50.31
C TYR E 180 58.33 -93.20 -49.78
N GLN E 181 58.52 -93.17 -48.47
CA GLN E 181 59.44 -92.25 -47.83
C GLN E 181 60.69 -93.01 -47.43
N LEU E 182 61.85 -92.35 -47.55
CA LEU E 182 63.13 -93.04 -47.39
C LEU E 182 63.27 -93.68 -46.02
N CYS E 183 62.66 -93.09 -44.99
CA CYS E 183 62.77 -93.65 -43.65
C CYS E 183 61.96 -94.94 -43.50
N ASP E 184 61.04 -95.22 -44.41
CA ASP E 184 60.15 -96.37 -44.31
C ASP E 184 60.59 -97.55 -45.17
N LEU E 185 61.83 -97.53 -45.67
CA LEU E 185 62.37 -98.65 -46.44
C LEU E 185 63.13 -99.54 -45.46
N ASN E 186 62.44 -100.54 -44.92
CA ASN E 186 62.99 -101.38 -43.85
C ASN E 186 63.87 -102.49 -44.44
N VAL E 187 64.93 -102.07 -45.13
CA VAL E 187 65.93 -102.98 -45.67
C VAL E 187 67.30 -102.41 -45.32
N GLU E 188 68.20 -103.28 -44.84
CA GLU E 188 69.54 -102.82 -44.45
C GLU E 188 70.29 -102.25 -45.65
N GLU E 189 70.23 -102.93 -46.79
CA GLU E 189 70.89 -102.43 -47.99
C GLU E 189 70.38 -101.04 -48.35
N LEU E 190 69.08 -100.92 -48.62
CA LEU E 190 68.50 -99.65 -49.04
C LEU E 190 68.88 -98.52 -48.08
N GLN E 191 68.86 -98.79 -46.77
CA GLN E 191 69.29 -97.80 -45.81
C GLN E 191 70.77 -97.50 -45.92
N LYS E 192 71.57 -98.45 -46.40
CA LYS E 192 72.99 -98.17 -46.62
C LYS E 192 73.19 -97.25 -47.83
N ILE E 193 72.43 -97.46 -48.90
CA ILE E 193 72.54 -96.51 -50.02
C ILE E 193 71.99 -95.14 -49.62
N ILE E 194 71.00 -95.10 -48.72
CA ILE E 194 70.42 -93.81 -48.36
C ILE E 194 71.39 -93.00 -47.50
N HIS E 195 72.08 -93.64 -46.55
CA HIS E 195 72.88 -92.95 -45.56
C HIS E 195 74.37 -92.92 -45.89
N ARG E 196 74.72 -93.03 -47.17
CA ARG E 196 76.15 -93.07 -47.52
C ARG E 196 76.80 -91.69 -47.45
N ASN E 197 76.04 -90.62 -47.71
CA ASN E 197 76.57 -89.26 -47.65
C ASN E 197 76.18 -88.55 -46.36
N ASP E 198 75.87 -89.29 -45.30
CA ASP E 198 75.50 -88.69 -44.03
C ASP E 198 76.66 -87.88 -43.48
N GLY E 199 76.36 -86.69 -42.96
CA GLY E 199 77.37 -85.80 -42.45
C GLY E 199 78.20 -85.08 -43.50
N ALA E 200 77.95 -85.34 -44.78
CA ALA E 200 78.65 -84.70 -45.88
C ALA E 200 77.67 -84.22 -46.94
N GLU E 201 76.56 -83.66 -46.50
CA GLU E 201 75.52 -83.19 -47.41
C GLU E 201 75.98 -81.92 -48.10
N ASN E 202 76.26 -82.01 -49.40
CA ASN E 202 76.75 -80.88 -50.18
C ASN E 202 75.69 -79.78 -50.27
N SER E 203 74.69 -79.98 -51.11
CA SER E 203 73.62 -79.01 -51.29
C SER E 203 72.32 -79.74 -51.58
N CYS E 204 71.21 -79.05 -51.31
CA CYS E 204 69.88 -79.60 -51.54
C CYS E 204 69.45 -79.28 -52.96
N THR E 205 69.35 -80.32 -53.79
CA THR E 205 68.96 -80.17 -55.19
C THR E 205 67.49 -80.54 -55.37
N GLU E 206 66.99 -80.32 -56.59
CA GLU E 206 65.61 -80.63 -56.89
C GLU E 206 65.39 -82.14 -57.02
N ARG E 207 66.28 -82.83 -57.72
CA ARG E 207 66.09 -84.24 -58.01
C ARG E 207 66.63 -85.16 -56.93
N ASP E 208 67.65 -84.73 -56.18
CA ASP E 208 68.28 -85.58 -55.18
C ASP E 208 68.16 -85.06 -53.75
N GLY E 209 67.93 -83.77 -53.55
CA GLY E 209 67.85 -83.26 -52.18
C GLY E 209 69.20 -83.34 -51.50
N TRP E 210 69.21 -83.86 -50.28
CA TRP E 210 70.46 -84.06 -49.54
C TRP E 210 71.19 -85.33 -49.94
N CYS E 211 70.59 -86.17 -50.78
CA CYS E 211 71.20 -87.44 -51.15
C CYS E 211 72.18 -87.25 -52.29
N LEU E 212 73.02 -88.27 -52.50
CA LEU E 212 73.95 -88.28 -53.61
C LEU E 212 73.18 -88.37 -54.93
N PRO E 213 73.77 -87.91 -56.03
CA PRO E 213 73.10 -88.00 -57.33
C PRO E 213 72.85 -89.46 -57.72
N LYS E 214 71.72 -89.67 -58.41
CA LYS E 214 71.32 -90.97 -58.93
C LYS E 214 71.10 -92.01 -57.83
N THR E 215 70.96 -91.55 -56.58
CA THR E 215 70.72 -92.48 -55.47
C THR E 215 69.35 -93.13 -55.58
N SER E 216 68.33 -92.34 -55.96
CA SER E 216 66.97 -92.85 -55.96
C SER E 216 66.73 -93.90 -57.02
N ASP E 217 67.39 -93.79 -58.18
CA ASP E 217 67.26 -94.84 -59.20
C ASP E 217 67.98 -96.11 -58.77
N GLU E 218 69.11 -95.97 -58.08
CA GLU E 218 69.76 -97.15 -57.49
C GLU E 218 68.83 -97.84 -56.51
N LEU E 219 68.16 -97.06 -55.66
CA LEU E 219 67.17 -97.63 -54.75
C LEU E 219 66.06 -98.32 -55.54
N ARG E 220 65.58 -97.68 -56.60
CA ARG E 220 64.54 -98.26 -57.45
C ARG E 220 64.94 -99.64 -57.96
N ASP E 221 66.12 -99.73 -58.58
CA ASP E 221 66.56 -100.99 -59.14
C ASP E 221 66.80 -102.03 -58.06
N THR E 222 67.30 -101.61 -56.89
CA THR E 222 67.50 -102.55 -55.79
C THR E 222 66.18 -103.15 -55.33
N MET E 223 65.16 -102.31 -55.13
CA MET E 223 63.86 -102.82 -54.73
C MET E 223 63.21 -103.67 -55.82
N SER E 224 63.48 -103.35 -57.09
CA SER E 224 63.01 -104.21 -58.17
C SER E 224 63.64 -105.60 -58.08
N LEU E 225 64.94 -105.65 -57.82
CA LEU E 225 65.61 -106.95 -57.66
C LEU E 225 65.06 -107.71 -56.45
N MET E 226 64.77 -106.99 -55.36
CA MET E 226 64.21 -107.65 -54.18
C MET E 226 62.82 -108.20 -54.46
N ILE E 227 62.00 -107.46 -55.21
CA ILE E 227 60.68 -107.94 -55.58
C ILE E 227 60.80 -109.18 -56.46
N ARG E 228 61.75 -109.16 -57.40
CA ARG E 228 61.99 -110.33 -58.23
C ARG E 228 62.40 -111.53 -57.40
N GLN E 229 63.23 -111.30 -56.38
CA GLN E 229 63.66 -112.39 -55.51
C GLN E 229 62.49 -112.95 -54.70
N THR E 230 61.58 -112.08 -54.24
CA THR E 230 60.42 -112.56 -53.52
C THR E 230 59.50 -113.38 -54.42
N ILE E 231 59.24 -112.89 -55.64
CA ILE E 231 58.34 -113.59 -56.54
C ILE E 231 58.86 -114.98 -56.87
N ARG E 232 60.19 -115.15 -56.92
CA ARG E 232 60.78 -116.45 -57.22
C ARG E 232 60.48 -117.48 -56.14
N SER E 233 60.13 -117.06 -54.93
CA SER E 233 59.82 -117.99 -53.85
C SER E 233 58.32 -118.29 -53.80
N ARG F 6 -49.19 71.04 22.62
CA ARG F 6 -48.15 70.39 21.82
C ARG F 6 -46.94 70.05 22.69
N PRO F 7 -46.26 68.95 22.37
CA PRO F 7 -45.08 68.56 23.18
C PRO F 7 -44.02 69.63 23.27
N HIS F 8 -43.73 70.32 22.17
CA HIS F 8 -42.78 71.42 22.15
C HIS F 8 -43.27 72.53 21.25
N ASN F 9 -44.57 72.84 21.34
CA ASN F 9 -45.22 73.84 20.50
C ASN F 9 -45.04 73.53 19.01
N ALA F 10 -45.02 72.24 18.67
CA ALA F 10 -44.86 71.78 17.30
C ALA F 10 -46.20 71.37 16.71
N ILE F 11 -46.33 71.58 15.40
CA ILE F 11 -47.54 71.22 14.66
C ILE F 11 -47.32 69.86 14.04
N PHE F 12 -48.30 68.97 14.18
CA PHE F 12 -48.22 67.60 13.68
C PHE F 12 -49.15 67.46 12.48
N VAL F 13 -48.60 66.97 11.36
CA VAL F 13 -49.30 66.95 10.09
C VAL F 13 -49.42 65.50 9.63
N ASN F 14 -50.65 65.11 9.27
CA ASN F 14 -50.91 63.80 8.71
C ASN F 14 -50.85 63.86 7.18
N PHE F 15 -50.62 62.71 6.57
CA PHE F 15 -50.61 62.62 5.11
C PHE F 15 -51.97 63.01 4.53
N GLU F 16 -53.04 62.83 5.30
CA GLU F 16 -54.40 63.11 4.85
C GLU F 16 -54.84 64.54 5.15
N ASP F 17 -54.03 65.32 5.85
CA ASP F 17 -54.38 66.71 6.11
C ASP F 17 -54.49 67.47 4.79
N GLU F 18 -55.51 68.32 4.70
CA GLU F 18 -55.76 69.05 3.45
C GLU F 18 -54.61 70.02 3.15
N GLU F 19 -54.24 70.84 4.12
CA GLU F 19 -53.20 71.84 3.91
C GLU F 19 -52.01 71.60 4.84
N VAL F 20 -50.92 72.29 4.53
CA VAL F 20 -49.67 72.21 5.27
C VAL F 20 -49.42 73.56 5.92
N PRO F 21 -48.96 73.61 7.17
CA PRO F 21 -48.74 74.90 7.84
C PRO F 21 -47.68 75.73 7.13
N LYS F 22 -47.85 77.05 7.19
CA LYS F 22 -46.93 77.99 6.58
C LYS F 22 -46.20 78.87 7.59
N GLN F 23 -46.61 78.87 8.86
CA GLN F 23 -45.99 79.67 9.90
C GLN F 23 -45.94 78.88 11.18
N PRO F 24 -44.95 79.14 12.03
CA PRO F 24 -44.86 78.41 13.30
C PRO F 24 -45.90 78.91 14.30
N LEU F 25 -46.10 78.11 15.34
CA LEU F 25 -46.94 78.53 16.46
C LEU F 25 -46.28 79.69 17.18
N GLU F 26 -47.08 80.69 17.56
CA GLU F 26 -46.54 81.84 18.27
C GLU F 26 -45.99 81.43 19.64
N ALA F 27 -46.51 80.34 20.22
CA ALA F 27 -45.93 79.82 21.45
C ALA F 27 -44.49 79.40 21.23
N ALA F 28 -44.20 78.74 20.11
CA ALA F 28 -42.82 78.35 19.80
C ALA F 28 -41.94 79.57 19.57
N ALA F 29 -42.48 80.58 18.90
CA ALA F 29 -41.70 81.80 18.66
C ALA F 29 -41.35 82.49 19.98
N GLN F 30 -42.31 82.61 20.88
CA GLN F 30 -42.04 83.22 22.18
C GLN F 30 -41.11 82.36 23.02
N THR F 31 -41.22 81.04 22.92
CA THR F 31 -40.30 80.17 23.65
C THR F 31 -38.87 80.32 23.16
N TRP F 32 -38.68 80.39 21.84
CA TRP F 32 -37.34 80.62 21.30
C TRP F 32 -36.84 82.01 21.69
N ARG F 33 -37.73 83.00 21.71
CA ARG F 33 -37.35 84.35 22.14
C ARG F 33 -36.84 84.33 23.58
N ARG F 34 -37.52 83.58 24.45
CA ARG F 34 -37.10 83.48 25.84
C ARG F 34 -35.82 82.66 25.99
N VAL F 35 -35.60 81.68 25.12
CA VAL F 35 -34.47 80.78 25.26
C VAL F 35 -33.21 81.29 24.56
N CYS F 36 -33.37 82.04 23.47
CA CYS F 36 -32.22 82.57 22.72
C CYS F 36 -31.64 83.76 23.49
N THR F 37 -30.58 83.51 24.28
CA THR F 37 -29.95 84.55 25.07
C THR F 37 -28.51 84.86 24.67
N ASN F 38 -27.86 83.98 23.94
CA ASN F 38 -26.46 84.16 23.58
C ASN F 38 -26.31 84.35 22.07
N PRO F 39 -25.24 85.02 21.63
CA PRO F 39 -25.01 85.15 20.18
C PRO F 39 -24.83 83.82 19.48
N VAL F 40 -24.33 82.80 20.18
CA VAL F 40 -24.23 81.48 19.57
C VAL F 40 -25.61 80.94 19.24
N ASP F 41 -26.63 81.34 20.01
CA ASP F 41 -27.98 80.86 19.75
C ASP F 41 -28.51 81.37 18.41
N ARG F 42 -28.39 82.68 18.16
CA ARG F 42 -28.78 83.20 16.86
C ARG F 42 -27.87 82.70 15.75
N LYS F 43 -26.60 82.43 16.07
CA LYS F 43 -25.70 81.81 15.12
C LYS F 43 -26.26 80.47 14.62
N VAL F 44 -26.57 79.57 15.55
CA VAL F 44 -27.10 78.26 15.16
C VAL F 44 -28.50 78.39 14.56
N GLU F 45 -29.25 79.44 14.95
CA GLU F 45 -30.55 79.65 14.32
C GLU F 45 -30.39 79.96 12.83
N GLU F 46 -29.50 80.89 12.50
CA GLU F 46 -29.23 81.20 11.11
C GLU F 46 -28.66 79.99 10.38
N GLU F 47 -27.82 79.21 11.05
CA GLU F 47 -27.25 78.01 10.43
C GLU F 47 -28.34 77.01 10.06
N LEU F 48 -29.25 76.73 11.00
CA LEU F 48 -30.33 75.79 10.73
C LEU F 48 -31.28 76.35 9.67
N ARG F 49 -31.49 77.66 9.67
CA ARG F 49 -32.33 78.25 8.62
C ARG F 49 -31.72 78.07 7.25
N LYS F 50 -30.40 78.27 7.12
CA LYS F 50 -29.74 78.04 5.85
C LYS F 50 -29.81 76.57 5.45
N LEU F 51 -29.60 75.67 6.42
CA LEU F 51 -29.65 74.24 6.12
C LEU F 51 -31.03 73.82 5.63
N PHE F 52 -32.08 74.38 6.23
CA PHE F 52 -33.44 74.08 5.78
C PHE F 52 -33.80 74.79 4.48
N ASP F 53 -33.12 75.90 4.18
CA ASP F 53 -33.29 76.51 2.87
C ASP F 53 -32.66 75.66 1.78
N ILE F 54 -31.53 75.00 2.08
CA ILE F 54 -30.90 74.14 1.09
C ILE F 54 -31.68 72.85 0.92
N ARG F 55 -31.98 72.17 2.03
CA ARG F 55 -32.72 70.91 2.01
C ARG F 55 -34.01 71.09 2.79
N PRO F 56 -35.18 70.93 2.17
CA PRO F 56 -36.44 71.24 2.86
C PRO F 56 -36.87 70.22 3.89
N ILE F 57 -36.45 68.95 3.77
CA ILE F 57 -36.87 67.88 4.66
C ILE F 57 -35.63 67.29 5.31
N TRP F 58 -35.60 67.29 6.64
CA TRP F 58 -34.46 66.81 7.40
C TRP F 58 -34.92 65.81 8.45
N SER F 59 -33.95 65.08 9.00
CA SER F 59 -34.15 64.21 10.15
C SER F 59 -33.33 64.73 11.31
N ARG F 60 -33.76 64.38 12.52
CA ARG F 60 -33.08 64.88 13.72
C ARG F 60 -31.63 64.41 13.75
N ASN F 61 -31.40 63.12 13.48
CA ASN F 61 -30.04 62.62 13.45
C ASN F 61 -29.23 63.22 12.30
N ALA F 62 -29.89 63.47 11.17
CA ALA F 62 -29.21 64.11 10.04
C ALA F 62 -28.82 65.55 10.39
N VAL F 63 -29.70 66.27 11.08
CA VAL F 63 -29.40 67.64 11.48
C VAL F 63 -28.27 67.66 12.51
N LYS F 64 -28.31 66.73 13.48
CA LYS F 64 -27.25 66.66 14.48
C LYS F 64 -25.90 66.33 13.86
N ALA F 65 -25.88 65.67 12.70
CA ALA F 65 -24.63 65.37 12.01
C ALA F 65 -24.13 66.53 11.17
N ASN F 66 -24.69 67.72 11.35
CA ASN F 66 -24.23 68.91 10.61
C ASN F 66 -24.08 70.15 11.47
N ILE F 67 -24.73 70.24 12.62
CA ILE F 67 -24.60 71.39 13.52
C ILE F 67 -24.33 70.87 14.93
N SER F 68 -23.44 71.56 15.65
CA SER F 68 -23.20 71.27 17.06
C SER F 68 -24.09 72.20 17.88
N VAL F 69 -25.28 71.73 18.21
CA VAL F 69 -26.29 72.52 18.92
C VAL F 69 -26.72 71.75 20.16
N HIS F 70 -27.00 72.47 21.24
CA HIS F 70 -27.42 71.84 22.48
C HIS F 70 -28.76 71.13 22.26
N PRO F 71 -28.97 69.97 22.87
CA PRO F 71 -30.23 69.23 22.64
C PRO F 71 -31.48 69.99 23.04
N ASP F 72 -31.45 70.70 24.18
CA ASP F 72 -32.62 71.47 24.59
C ASP F 72 -32.86 72.65 23.66
N LYS F 73 -31.79 73.38 23.32
CA LYS F 73 -31.92 74.48 22.36
C LYS F 73 -32.39 73.97 21.00
N LEU F 74 -31.93 72.78 20.60
CA LEU F 74 -32.38 72.20 19.35
C LEU F 74 -33.86 71.84 19.41
N LYS F 75 -34.31 71.27 20.53
CA LYS F 75 -35.72 70.91 20.66
C LYS F 75 -36.60 72.14 20.73
N VAL F 76 -36.06 73.28 21.16
CA VAL F 76 -36.82 74.52 21.12
C VAL F 76 -36.82 75.12 19.72
N LEU F 77 -35.70 75.01 19.00
CA LEU F 77 -35.56 75.67 17.71
C LEU F 77 -36.25 74.92 16.58
N LEU F 78 -36.32 73.59 16.66
CA LEU F 78 -36.89 72.81 15.57
C LEU F 78 -38.34 73.17 15.27
N PRO F 79 -39.27 73.23 16.24
CA PRO F 79 -40.65 73.60 15.90
C PRO F 79 -40.79 75.03 15.43
N PHE F 80 -39.84 75.91 15.75
CA PHE F 80 -39.91 77.30 15.30
C PHE F 80 -39.63 77.40 13.80
N ILE F 81 -38.87 76.46 13.24
CA ILE F 81 -38.47 76.52 11.85
C ILE F 81 -39.21 75.51 10.98
N ALA F 82 -39.64 74.37 11.54
CA ALA F 82 -40.21 73.29 10.74
C ALA F 82 -41.42 72.70 11.45
N TYR F 83 -42.14 71.86 10.73
CA TYR F 83 -43.25 71.09 11.28
C TYR F 83 -42.95 69.61 11.19
N TYR F 84 -43.63 68.83 12.02
CA TYR F 84 -43.37 67.40 12.18
C TYR F 84 -44.46 66.57 11.51
N MET F 85 -44.03 65.54 10.80
CA MET F 85 -44.94 64.63 10.11
C MET F 85 -45.05 63.33 10.90
N ILE F 86 -46.29 62.82 11.01
CA ILE F 86 -46.57 61.63 11.81
C ILE F 86 -46.91 60.43 10.92
N THR F 87 -47.65 60.65 9.84
CA THR F 87 -48.02 59.57 8.93
C THR F 87 -47.68 59.96 7.50
N GLY F 88 -47.32 58.96 6.71
CA GLY F 88 -47.00 59.17 5.31
C GLY F 88 -45.58 58.74 4.97
N PRO F 89 -45.19 58.94 3.71
CA PRO F 89 -43.83 58.57 3.28
C PRO F 89 -42.75 59.50 3.80
N TRP F 90 -43.09 60.54 4.55
CA TRP F 90 -42.13 61.47 5.13
C TRP F 90 -42.27 61.55 6.64
N ARG F 91 -42.78 60.48 7.25
CA ARG F 91 -43.02 60.48 8.68
C ARG F 91 -41.71 60.60 9.47
N SER F 92 -41.83 61.07 10.71
CA SER F 92 -40.71 61.26 11.62
C SER F 92 -39.66 62.23 11.09
N LEU F 93 -40.05 63.11 10.16
CA LEU F 93 -39.14 64.09 9.60
C LEU F 93 -39.65 65.50 9.88
N TRP F 94 -38.75 66.46 9.77
CA TRP F 94 -39.06 67.87 9.97
C TRP F 94 -39.02 68.58 8.63
N ILE F 95 -40.08 69.30 8.30
CA ILE F 95 -40.28 69.88 6.97
C ILE F 95 -40.45 71.38 7.10
N ARG F 96 -39.82 72.12 6.19
CA ARG F 96 -39.88 73.57 6.19
C ARG F 96 -41.30 74.07 6.08
N PHE F 97 -41.59 75.19 6.75
CA PHE F 97 -42.91 75.78 6.72
C PHE F 97 -43.22 76.31 5.32
N GLY F 98 -44.34 75.85 4.75
CA GLY F 98 -44.74 76.25 3.42
C GLY F 98 -44.43 75.24 2.33
N TYR F 99 -43.58 74.26 2.61
CA TYR F 99 -43.21 73.25 1.64
C TYR F 99 -44.10 72.02 1.81
N ASP F 100 -44.82 71.66 0.75
CA ASP F 100 -45.68 70.49 0.77
C ASP F 100 -45.02 69.37 -0.02
N PRO F 101 -44.48 68.34 0.64
CA PRO F 101 -43.83 67.26 -0.12
C PRO F 101 -44.78 66.49 -1.02
N ARG F 102 -46.08 66.51 -0.73
CA ARG F 102 -47.06 65.83 -1.56
C ARG F 102 -47.40 66.61 -2.82
N LYS F 103 -46.79 67.79 -3.02
CA LYS F 103 -46.98 68.58 -4.23
C LYS F 103 -45.67 68.87 -4.94
N ASN F 104 -44.58 68.23 -4.53
CA ASN F 104 -43.27 68.41 -5.15
C ASN F 104 -42.65 67.04 -5.39
N PRO F 105 -42.54 66.59 -6.64
CA PRO F 105 -41.96 65.27 -6.91
C PRO F 105 -40.51 65.14 -6.46
N ASP F 106 -39.78 66.25 -6.35
CA ASP F 106 -38.40 66.19 -5.86
C ASP F 106 -38.32 65.58 -4.46
N ALA F 107 -39.35 65.83 -3.63
CA ALA F 107 -39.41 65.24 -2.31
C ALA F 107 -39.36 63.72 -2.34
N LYS F 108 -39.46 63.10 -3.52
CA LYS F 108 -39.26 61.66 -3.63
C LYS F 108 -37.90 61.23 -3.14
N ILE F 109 -36.89 62.12 -3.23
CA ILE F 109 -35.56 61.78 -2.74
C ILE F 109 -35.38 62.15 -1.27
N TYR F 110 -36.43 62.64 -0.61
CA TYR F 110 -36.40 62.95 0.81
C TYR F 110 -37.22 61.99 1.65
N GLN F 111 -37.83 60.97 1.04
CA GLN F 111 -38.73 60.08 1.77
C GLN F 111 -37.95 59.23 2.77
N VAL F 112 -38.71 58.59 3.66
CA VAL F 112 -38.15 57.83 4.77
C VAL F 112 -38.08 56.36 4.40
N LEU F 113 -37.10 55.65 4.98
CA LEU F 113 -36.92 54.22 4.79
C LEU F 113 -36.71 53.58 6.16
N ASP F 114 -37.55 52.63 6.49
CA ASP F 114 -37.41 51.86 7.71
C ASP F 114 -36.45 50.70 7.49
N PHE F 115 -35.47 50.55 8.38
CA PHE F 115 -34.51 49.47 8.28
C PHE F 115 -34.32 48.80 9.64
N ARG F 116 -34.32 47.47 9.64
CA ARG F 116 -34.10 46.68 10.83
C ARG F 116 -32.90 45.76 10.64
N ILE F 117 -32.24 45.42 11.74
CA ILE F 117 -31.08 44.52 11.69
C ILE F 117 -31.59 43.13 11.34
N ARG F 118 -31.24 42.65 10.15
CA ARG F 118 -31.68 41.34 9.68
C ARG F 118 -31.13 40.21 10.55
N LYS F 157 -18.39 69.54 21.75
CA LYS F 157 -19.29 69.67 20.62
C LYS F 157 -20.50 68.74 20.77
N TYR F 158 -21.47 68.90 19.86
CA TYR F 158 -22.68 68.09 19.89
C TYR F 158 -22.93 67.38 18.56
N LYS F 159 -21.99 67.43 17.62
CA LYS F 159 -22.18 66.83 16.31
C LYS F 159 -22.00 65.32 16.37
N LEU F 160 -22.53 64.65 15.36
CA LEU F 160 -22.43 63.20 15.20
C LEU F 160 -21.80 62.88 13.85
N LYS F 161 -21.39 61.62 13.71
CA LYS F 161 -20.77 61.19 12.46
C LYS F 161 -21.85 60.80 11.44
N ASP F 162 -21.40 60.62 10.19
CA ASP F 162 -22.33 60.42 9.08
C ASP F 162 -23.06 59.08 9.16
N SER F 163 -22.49 58.08 9.83
CA SER F 163 -23.12 56.76 9.85
C SER F 163 -24.48 56.77 10.54
N VAL F 164 -24.75 57.77 11.39
CA VAL F 164 -26.05 57.85 12.05
C VAL F 164 -27.19 58.20 11.09
N TYR F 165 -26.87 58.56 9.85
CA TYR F 165 -27.91 58.86 8.87
C TYR F 165 -27.51 58.57 7.43
N ILE F 166 -26.28 58.12 7.17
CA ILE F 166 -25.81 57.87 5.82
C ILE F 166 -25.41 56.39 5.70
N PHE F 167 -25.93 55.72 4.68
CA PHE F 167 -25.57 54.35 4.38
C PHE F 167 -24.56 54.32 3.23
N ARG F 168 -23.58 53.44 3.33
CA ARG F 168 -22.53 53.34 2.33
C ARG F 168 -21.96 51.92 2.35
N GLU F 169 -21.60 51.43 1.16
CA GLU F 169 -20.98 50.12 1.05
C GLU F 169 -19.63 50.11 1.76
N GLY F 170 -19.48 49.22 2.74
CA GLY F 170 -18.27 49.09 3.52
C GLY F 170 -18.48 49.27 5.01
N ALA F 171 -19.43 50.11 5.39
CA ALA F 171 -19.73 50.37 6.78
C ALA F 171 -20.93 49.51 7.21
N LEU F 172 -21.39 49.75 8.44
CA LEU F 172 -22.55 49.05 8.99
C LEU F 172 -23.34 50.06 9.80
N PRO F 173 -24.67 50.07 9.68
CA PRO F 173 -25.50 50.97 10.47
C PRO F 173 -25.21 50.82 11.96
N PRO F 174 -25.04 51.93 12.68
CA PRO F 174 -24.68 51.82 14.10
C PRO F 174 -25.79 51.32 14.98
N TYR F 175 -27.04 51.36 14.53
CA TYR F 175 -28.18 50.99 15.34
C TYR F 175 -28.90 49.78 14.74
N ARG F 176 -29.83 49.25 15.53
CA ARG F 176 -30.66 48.10 15.18
C ARG F 176 -31.90 48.51 14.41
N GLN F 177 -32.37 49.73 14.59
CA GLN F 177 -33.48 50.30 13.82
C GLN F 177 -33.03 51.64 13.28
N MET F 178 -33.15 51.82 11.97
CA MET F 178 -32.66 53.01 11.29
C MET F 178 -33.76 53.65 10.46
N PHE F 179 -33.84 54.97 10.53
CA PHE F 179 -34.75 55.78 9.72
C PHE F 179 -33.91 56.48 8.66
N TYR F 180 -33.59 55.75 7.60
CA TYR F 180 -32.76 56.32 6.55
C TYR F 180 -33.56 57.28 5.69
N GLN F 181 -32.86 58.16 5.00
CA GLN F 181 -33.46 59.05 4.02
C GLN F 181 -32.90 58.70 2.65
N LEU F 182 -33.77 58.77 1.62
CA LEU F 182 -33.44 58.20 0.32
C LEU F 182 -32.23 58.88 -0.31
N CYS F 183 -32.02 60.16 -0.04
CA CYS F 183 -30.87 60.86 -0.58
C CYS F 183 -29.57 60.49 0.12
N ASP F 184 -29.63 59.89 1.30
CA ASP F 184 -28.46 59.58 2.09
C ASP F 184 -27.96 58.16 1.89
N LEU F 185 -28.58 57.39 0.99
CA LEU F 185 -28.11 56.05 0.66
C LEU F 185 -27.11 56.18 -0.49
N ASN F 186 -25.84 56.39 -0.14
CA ASN F 186 -24.79 56.66 -1.12
C ASN F 186 -24.32 55.35 -1.75
N VAL F 187 -25.15 54.81 -2.62
CA VAL F 187 -24.86 53.57 -3.33
C VAL F 187 -25.51 53.62 -4.71
N GLU F 188 -24.76 53.22 -5.74
CA GLU F 188 -25.23 53.37 -7.11
C GLU F 188 -26.48 52.53 -7.36
N GLU F 189 -26.50 51.28 -6.88
CA GLU F 189 -27.63 50.40 -7.17
C GLU F 189 -28.89 50.86 -6.44
N LEU F 190 -28.76 51.23 -5.17
CA LEU F 190 -29.91 51.75 -4.43
C LEU F 190 -30.44 53.03 -5.07
N GLN F 191 -29.54 53.92 -5.47
CA GLN F 191 -29.96 55.17 -6.11
C GLN F 191 -30.62 54.91 -7.46
N LYS F 192 -30.17 53.90 -8.20
CA LYS F 192 -30.83 53.53 -9.45
C LYS F 192 -32.23 53.00 -9.19
N ILE F 193 -32.37 52.16 -8.15
CA ILE F 193 -33.70 51.68 -7.77
C ILE F 193 -34.60 52.86 -7.40
N ILE F 194 -34.05 53.86 -6.73
CA ILE F 194 -34.84 55.01 -6.31
C ILE F 194 -35.26 55.85 -7.52
N HIS F 195 -34.34 56.07 -8.45
CA HIS F 195 -34.56 57.01 -9.55
C HIS F 195 -35.08 56.34 -10.82
N ARG F 196 -35.38 55.04 -10.79
CA ARG F 196 -35.94 54.38 -11.97
C ARG F 196 -37.16 55.11 -12.52
N ASN F 197 -38.06 55.56 -11.63
CA ASN F 197 -39.29 56.21 -12.05
C ASN F 197 -39.19 57.73 -12.04
N ASP F 198 -37.99 58.26 -12.28
CA ASP F 198 -37.81 59.71 -12.32
C ASP F 198 -38.52 60.30 -13.53
N GLY F 199 -39.18 61.44 -13.32
CA GLY F 199 -39.91 62.10 -14.38
C GLY F 199 -41.22 61.46 -14.78
N ALA F 200 -41.60 60.34 -14.15
CA ALA F 200 -42.84 59.65 -14.46
C ALA F 200 -43.69 59.41 -13.22
N GLU F 201 -43.41 60.12 -12.13
CA GLU F 201 -44.18 59.97 -10.90
C GLU F 201 -45.53 60.64 -11.07
N ASN F 202 -46.60 59.84 -11.11
CA ASN F 202 -47.96 60.34 -11.29
C ASN F 202 -48.91 59.75 -10.25
N SER F 203 -48.38 59.41 -9.08
CA SER F 203 -49.21 58.85 -8.01
C SER F 203 -48.43 58.96 -6.70
N CYS F 204 -48.99 59.70 -5.75
CA CYS F 204 -48.35 59.90 -4.44
C CYS F 204 -49.18 59.14 -3.40
N THR F 205 -48.79 57.89 -3.14
CA THR F 205 -49.46 57.06 -2.17
C THR F 205 -48.81 57.21 -0.79
N GLU F 206 -49.52 56.74 0.24
CA GLU F 206 -49.02 56.84 1.61
C GLU F 206 -47.95 55.79 1.92
N ARG F 207 -47.82 54.76 1.10
CA ARG F 207 -46.83 53.71 1.34
C ARG F 207 -45.57 53.88 0.50
N ASP F 208 -45.68 54.38 -0.73
CA ASP F 208 -44.54 54.52 -1.62
C ASP F 208 -44.25 55.96 -2.02
N GLY F 209 -45.18 56.90 -1.79
CA GLY F 209 -44.94 58.27 -2.20
C GLY F 209 -44.87 58.37 -3.71
N TRP F 210 -43.90 59.15 -4.19
CA TRP F 210 -43.67 59.26 -5.63
C TRP F 210 -42.91 58.07 -6.20
N CYS F 211 -42.46 57.14 -5.36
CA CYS F 211 -41.69 56.01 -5.83
C CYS F 211 -42.61 54.90 -6.36
N LEU F 212 -42.01 54.00 -7.15
CA LEU F 212 -42.75 52.85 -7.65
C LEU F 212 -43.13 51.94 -6.48
N PRO F 213 -44.20 51.15 -6.62
CA PRO F 213 -44.63 50.30 -5.51
C PRO F 213 -43.57 49.27 -5.14
N LYS F 214 -43.52 48.96 -3.84
CA LYS F 214 -42.60 48.00 -3.26
C LYS F 214 -41.13 48.38 -3.45
N THR F 215 -40.86 49.68 -3.63
CA THR F 215 -39.47 50.12 -3.75
C THR F 215 -38.74 50.00 -2.42
N SER F 216 -39.44 50.26 -1.31
CA SER F 216 -38.82 50.17 0.01
C SER F 216 -38.32 48.76 0.29
N ASP F 217 -39.09 47.75 -0.10
CA ASP F 217 -38.69 46.37 0.15
C ASP F 217 -37.44 45.99 -0.66
N GLU F 218 -37.38 46.43 -1.92
CA GLU F 218 -36.21 46.17 -2.73
C GLU F 218 -34.97 46.86 -2.16
N LEU F 219 -35.14 48.12 -1.73
CA LEU F 219 -34.03 48.83 -1.10
C LEU F 219 -33.55 48.10 0.15
N ARG F 220 -34.50 47.67 1.00
CA ARG F 220 -34.14 46.98 2.23
C ARG F 220 -33.42 45.66 1.94
N ASP F 221 -33.89 44.92 0.93
CA ASP F 221 -33.25 43.66 0.59
C ASP F 221 -31.84 43.88 0.06
N THR F 222 -31.65 44.89 -0.80
CA THR F 222 -30.31 45.19 -1.29
C THR F 222 -29.38 45.62 -0.16
N MET F 223 -29.90 46.42 0.78
CA MET F 223 -29.08 46.86 1.90
C MET F 223 -28.69 45.68 2.79
N SER F 224 -29.60 44.74 3.01
CA SER F 224 -29.27 43.56 3.80
C SER F 224 -28.26 42.68 3.08
N LEU F 225 -28.39 42.55 1.75
CA LEU F 225 -27.40 41.82 0.97
C LEU F 225 -26.03 42.43 1.15
N MET F 226 -25.93 43.75 1.02
CA MET F 226 -24.64 44.42 1.14
C MET F 226 -24.11 44.34 2.57
N ILE F 227 -25.00 44.33 3.57
CA ILE F 227 -24.56 44.16 4.95
C ILE F 227 -23.94 42.78 5.15
N ARG F 228 -24.58 41.75 4.58
CA ARG F 228 -24.01 40.41 4.64
C ARG F 228 -22.67 40.35 3.94
N GLN F 229 -22.56 40.99 2.77
CA GLN F 229 -21.31 40.99 2.04
C GLN F 229 -20.20 41.69 2.82
N THR F 230 -20.54 42.79 3.51
CA THR F 230 -19.55 43.50 4.31
C THR F 230 -19.14 42.67 5.52
N ILE F 231 -20.11 42.03 6.19
CA ILE F 231 -19.79 41.23 7.37
C ILE F 231 -18.97 40.00 6.99
N ARG F 232 -19.11 39.52 5.75
CA ARG F 232 -18.33 38.37 5.30
C ARG F 232 -16.97 38.76 4.74
N SER F 233 -16.63 40.04 4.72
CA SER F 233 -15.34 40.48 4.20
C SER F 233 -14.30 40.54 5.31
#